data_6WJU
#
_entry.id   6WJU
#
_cell.length_a   258.050
_cell.length_b   258.050
_cell.length_c   258.050
_cell.angle_alpha   90.000
_cell.angle_beta   90.000
_cell.angle_gamma   90.000
#
_symmetry.space_group_name_H-M   'I 41 3 2'
#
loop_
_entity.id
_entity.type
_entity.pdbx_description
1 polymer '4A10 Fab Light Chain'
2 polymer '4A10 Fab Heavy Chain'
3 water water
#
loop_
_entity_poly.entity_id
_entity_poly.type
_entity_poly.pdbx_seq_one_letter_code
_entity_poly.pdbx_strand_id
1 'polypeptide(L)'
;DIVLTQAAPSVPVTPGESVSISCRSSKSLLHSDGNTYLYWLLQRPGQSPQLLIYRMSNLASGVPDRFSGSGSGTVFTLRI
SRLEAEDVGIYYCMQHLEYPFTFGGGTKLEIKRTVAAPSVFIFPPSDEQLKSGTASVVCLLNNFYPREAKYQWKVDNALQ
SGNSQESVTEQDSKDSTYSLSSTLTLSKADYEKHKVYACEVTHQGLSSPVTKSFNRGEC
;
L,A
2 'polypeptide(L)'
;EVQLLQSGAELVRSGASVKLSCTASGFNIEDYYMHWMKQRPEQGLEWIGWIDPVNGDTEYAPKFQGKATMTADTSSNTAY
LHLNSLTSEDTAVYYCNFYDGYLFAFWGQGTLVTVSAASTKGPSVFPLAPSSKSTSGGTAALGCLVKDYFPEPVTVSWNS
GALTSGVHTFPAVLQSSGLYSLSSVVTVPSSSLGTQTYICNVNHKPSNTKVDKRVEPKSCDKTAGWSHPQFEK
;
H,B
#
# COMPACT_ATOMS: atom_id res chain seq x y z
N ASP A 1 -19.59 7.91 -16.36
CA ASP A 1 -19.56 6.95 -17.46
C ASP A 1 -20.32 5.68 -17.07
N ILE A 2 -20.39 4.70 -17.97
CA ILE A 2 -21.12 3.48 -17.64
C ILE A 2 -20.27 2.61 -16.75
N VAL A 3 -20.92 1.98 -15.78
CA VAL A 3 -20.24 1.16 -14.79
C VAL A 3 -20.43 -0.30 -15.16
N LEU A 4 -19.32 -1.03 -15.31
CA LEU A 4 -19.38 -2.45 -15.61
C LEU A 4 -19.00 -3.21 -14.36
N THR A 5 -19.73 -4.29 -14.09
CA THR A 5 -19.58 -5.03 -12.84
C THR A 5 -19.40 -6.50 -13.13
N GLN A 6 -18.28 -7.07 -12.69
CA GLN A 6 -18.03 -8.49 -12.83
C GLN A 6 -18.49 -9.22 -11.57
N ALA A 7 -18.11 -8.70 -10.40
CA ALA A 7 -18.59 -9.17 -9.11
C ALA A 7 -18.58 -10.69 -9.00
N ALA A 8 -17.43 -11.29 -9.30
CA ALA A 8 -17.29 -12.75 -9.27
C ALA A 8 -15.85 -13.15 -9.05
N PRO A 9 -15.55 -13.77 -7.93
CA PRO A 9 -14.15 -14.16 -7.69
C PRO A 9 -13.86 -15.56 -8.19
N SER A 10 -13.33 -16.42 -7.33
CA SER A 10 -12.94 -17.77 -7.75
C SER A 10 -14.13 -18.72 -7.89
N VAL A 11 -14.48 -19.38 -6.79
CA VAL A 11 -15.34 -20.57 -6.76
C VAL A 11 -14.75 -21.47 -7.85
N PRO A 12 -13.77 -22.31 -7.48
CA PRO A 12 -12.95 -23.01 -8.47
C PRO A 12 -13.70 -24.13 -9.21
N VAL A 13 -13.55 -24.16 -10.53
CA VAL A 13 -14.24 -25.14 -11.36
C VAL A 13 -13.25 -26.23 -11.74
N THR A 14 -13.77 -27.40 -12.09
CA THR A 14 -13.07 -28.62 -12.50
C THR A 14 -12.96 -28.67 -14.02
N PRO A 15 -11.83 -29.13 -14.56
CA PRO A 15 -11.70 -29.18 -16.02
C PRO A 15 -12.67 -30.19 -16.63
N GLY A 16 -13.16 -29.85 -17.81
CA GLY A 16 -14.21 -30.63 -18.46
C GLY A 16 -15.58 -30.01 -18.25
N GLU A 17 -15.82 -29.51 -17.04
CA GLU A 17 -17.08 -28.85 -16.73
C GLU A 17 -17.12 -27.46 -17.34
N SER A 18 -18.24 -26.77 -17.16
CA SER A 18 -18.46 -25.43 -17.70
C SER A 18 -18.53 -24.40 -16.58
N VAL A 19 -18.49 -23.12 -16.97
CA VAL A 19 -18.54 -22.01 -16.03
C VAL A 19 -18.92 -20.76 -16.79
N SER A 20 -19.57 -19.83 -16.11
CA SER A 20 -20.00 -18.58 -16.72
C SER A 20 -19.55 -17.39 -15.88
N ILE A 21 -19.24 -16.31 -16.58
CA ILE A 21 -18.84 -15.05 -15.99
C ILE A 21 -19.85 -14.01 -16.41
N SER A 22 -20.22 -13.14 -15.48
CA SER A 22 -21.22 -12.11 -15.76
C SER A 22 -20.57 -10.74 -15.93
N CYS A 23 -21.32 -9.85 -16.55
CA CYS A 23 -20.92 -8.47 -16.78
C CYS A 23 -22.20 -7.66 -16.66
N ARG A 24 -22.32 -6.91 -15.56
CA ARG A 24 -23.50 -6.11 -15.28
C ARG A 24 -23.24 -4.69 -15.74
N SER A 25 -24.19 -4.13 -16.49
CA SER A 25 -24.00 -2.82 -17.10
C SER A 25 -25.18 -1.93 -16.77
N SER A 26 -25.09 -0.68 -17.21
CA SER A 26 -26.12 0.32 -16.97
C SER A 26 -26.77 0.87 -18.22
N LYS A 27 -26.20 0.66 -19.40
CA LYS A 27 -26.63 1.33 -20.61
C LYS A 27 -27.29 0.34 -21.58
N SER A 28 -27.92 0.92 -22.61
CA SER A 28 -28.72 0.14 -23.55
C SER A 28 -27.95 -1.03 -24.17
N LEU A 29 -26.68 -0.81 -24.51
CA LEU A 29 -25.87 -1.80 -25.23
C LEU A 29 -26.53 -2.20 -26.54
N LEU A 30 -26.74 -1.19 -27.37
CA LEU A 30 -27.34 -1.40 -28.69
C LEU A 30 -27.10 -0.14 -29.53
N HIS A 31 -26.11 -0.22 -30.41
CA HIS A 31 -25.91 0.81 -31.43
C HIS A 31 -27.04 0.79 -32.45
N SER A 32 -27.63 1.97 -32.69
CA SER A 32 -28.72 2.11 -33.65
C SER A 32 -28.30 1.79 -35.09
N ASP A 33 -27.50 0.74 -35.27
CA ASP A 33 -27.24 0.17 -36.59
C ASP A 33 -27.35 -1.34 -36.60
N GLY A 34 -27.69 -1.95 -35.47
CA GLY A 34 -27.98 -3.37 -35.42
C GLY A 34 -27.20 -4.14 -34.35
N ASN A 35 -26.09 -3.58 -33.89
CA ASN A 35 -25.12 -4.34 -33.12
C ASN A 35 -25.11 -3.94 -31.65
N THR A 36 -24.50 -4.82 -30.85
CA THR A 36 -24.20 -4.58 -29.44
C THR A 36 -22.70 -4.70 -29.27
N TYR A 37 -22.08 -3.65 -28.74
CA TYR A 37 -20.62 -3.57 -28.69
C TYR A 37 -20.07 -3.95 -27.32
N LEU A 38 -20.53 -5.07 -26.77
CA LEU A 38 -19.90 -5.68 -25.59
C LEU A 38 -18.86 -6.67 -26.08
N TYR A 39 -17.68 -6.63 -25.47
CA TYR A 39 -16.54 -7.45 -25.86
C TYR A 39 -16.00 -8.18 -24.64
N TRP A 40 -15.61 -9.43 -24.83
CA TRP A 40 -14.98 -10.22 -23.78
C TRP A 40 -13.52 -10.48 -24.14
N LEU A 41 -12.62 -10.21 -23.19
CA LEU A 41 -11.20 -10.36 -23.36
C LEU A 41 -10.63 -11.23 -22.25
N LEU A 42 -9.61 -12.02 -22.59
CA LEU A 42 -8.84 -12.76 -21.61
C LEU A 42 -7.43 -12.21 -21.53
N GLN A 43 -6.94 -12.05 -20.30
CA GLN A 43 -5.53 -11.76 -20.04
C GLN A 43 -4.97 -12.94 -19.24
N ARG A 44 -4.14 -13.75 -19.90
CA ARG A 44 -3.40 -14.80 -19.24
C ARG A 44 -2.31 -14.19 -18.35
N PRO A 45 -1.97 -14.83 -17.25
CA PRO A 45 -0.98 -14.25 -16.31
C PRO A 45 0.33 -13.90 -17.01
N GLY A 46 0.75 -12.66 -16.83
CA GLY A 46 1.98 -12.17 -17.45
C GLY A 46 1.94 -12.14 -18.96
N GLN A 47 0.79 -11.81 -19.54
CA GLN A 47 0.66 -11.69 -20.99
C GLN A 47 -0.23 -10.51 -21.32
N SER A 48 -0.10 -10.03 -22.56
CA SER A 48 -0.99 -8.99 -23.04
C SER A 48 -2.38 -9.57 -23.29
N PRO A 49 -3.45 -8.78 -23.07
CA PRO A 49 -4.82 -9.28 -23.31
C PRO A 49 -5.03 -9.84 -24.71
N GLN A 50 -6.11 -10.61 -24.87
CA GLN A 50 -6.48 -11.18 -26.16
C GLN A 50 -7.99 -11.14 -26.31
N LEU A 51 -8.44 -11.12 -27.57
CA LEU A 51 -9.86 -11.00 -27.89
C LEU A 51 -10.52 -12.38 -27.88
N LEU A 52 -11.66 -12.48 -27.21
CA LEU A 52 -12.45 -13.70 -27.20
C LEU A 52 -13.66 -13.53 -28.10
N ILE A 53 -14.64 -12.75 -27.64
CA ILE A 53 -15.86 -12.48 -28.39
C ILE A 53 -15.95 -10.98 -28.59
N TYR A 54 -16.36 -10.57 -29.80
CA TYR A 54 -16.43 -9.15 -30.14
C TYR A 54 -17.82 -8.54 -30.05
N ARG A 55 -18.84 -9.10 -30.70
CA ARG A 55 -20.13 -8.42 -30.60
C ARG A 55 -21.10 -9.12 -29.66
N MET A 56 -20.77 -9.16 -28.37
CA MET A 56 -21.59 -9.82 -27.36
C MET A 56 -21.66 -11.33 -27.57
N SER A 57 -21.66 -11.78 -28.83
CA SER A 57 -21.95 -13.18 -29.10
C SER A 57 -21.26 -13.74 -30.34
N ASN A 58 -20.33 -13.02 -30.95
CA ASN A 58 -19.57 -13.49 -32.10
C ASN A 58 -18.14 -13.83 -31.67
N LEU A 59 -17.56 -14.82 -32.33
CA LEU A 59 -16.28 -15.39 -31.91
C LEU A 59 -15.13 -14.85 -32.75
N ALA A 60 -14.09 -14.36 -32.07
CA ALA A 60 -12.88 -13.85 -32.71
C ALA A 60 -12.05 -15.00 -33.29
N SER A 61 -10.97 -14.63 -33.99
CA SER A 61 -10.05 -15.61 -34.53
C SER A 61 -9.52 -16.54 -33.44
N GLY A 62 -9.67 -17.85 -33.66
CA GLY A 62 -9.05 -18.87 -32.85
C GLY A 62 -9.87 -19.36 -31.67
N VAL A 63 -10.70 -18.51 -31.08
CA VAL A 63 -11.46 -18.91 -29.89
C VAL A 63 -12.39 -20.07 -30.23
N PRO A 64 -12.34 -21.18 -29.51
CA PRO A 64 -13.14 -22.36 -29.89
C PRO A 64 -14.62 -22.19 -29.56
N ASP A 65 -15.40 -23.13 -30.12
CA ASP A 65 -16.86 -23.09 -29.97
C ASP A 65 -17.30 -23.04 -28.52
N ARG A 66 -16.63 -23.80 -27.64
CA ARG A 66 -17.02 -23.89 -26.24
C ARG A 66 -17.24 -22.52 -25.58
N PHE A 67 -16.63 -21.46 -26.10
CA PHE A 67 -16.91 -20.10 -25.67
C PHE A 67 -18.17 -19.58 -26.34
N SER A 68 -19.17 -19.21 -25.54
CA SER A 68 -20.34 -18.53 -26.07
C SER A 68 -20.68 -17.32 -25.20
N GLY A 69 -20.89 -16.17 -25.83
CA GLY A 69 -21.38 -14.98 -25.13
C GLY A 69 -22.82 -14.71 -25.50
N SER A 70 -23.62 -14.34 -24.49
CA SER A 70 -25.01 -13.91 -24.68
C SER A 70 -25.59 -13.50 -23.34
N GLY A 71 -26.43 -12.46 -23.32
CA GLY A 71 -27.03 -12.04 -22.08
C GLY A 71 -28.47 -11.58 -22.26
N SER A 72 -28.97 -10.79 -21.31
CA SER A 72 -30.35 -10.31 -21.38
C SER A 72 -30.33 -8.81 -21.16
N GLY A 73 -30.40 -8.04 -22.24
CA GLY A 73 -30.45 -6.61 -22.09
C GLY A 73 -29.11 -5.99 -21.78
N THR A 74 -28.86 -5.84 -20.48
CA THR A 74 -27.66 -5.21 -19.96
C THR A 74 -26.82 -6.13 -19.09
N VAL A 75 -27.28 -7.36 -18.85
CA VAL A 75 -26.54 -8.34 -18.06
C VAL A 75 -26.03 -9.39 -19.04
N PHE A 76 -24.72 -9.36 -19.31
CA PHE A 76 -24.09 -10.23 -20.30
C PHE A 76 -23.31 -11.35 -19.64
N THR A 77 -23.20 -12.47 -20.36
CA THR A 77 -22.63 -13.69 -19.82
C THR A 77 -21.70 -14.33 -20.83
N LEU A 78 -20.51 -14.72 -20.38
CA LEU A 78 -19.59 -15.55 -21.14
C LEU A 78 -19.58 -16.94 -20.53
N ARG A 79 -19.86 -17.96 -21.34
CA ARG A 79 -19.87 -19.35 -20.91
C ARG A 79 -18.70 -20.08 -21.56
N ILE A 80 -17.86 -20.71 -20.74
CA ILE A 80 -16.77 -21.56 -21.18
C ILE A 80 -17.15 -22.99 -20.83
N SER A 81 -17.39 -23.80 -21.86
CA SER A 81 -17.62 -25.23 -21.74
C SER A 81 -16.32 -25.99 -21.98
N ARG A 82 -16.27 -27.23 -21.49
CA ARG A 82 -15.10 -28.09 -21.61
C ARG A 82 -13.84 -27.37 -21.14
N LEU A 83 -13.89 -26.93 -19.89
CA LEU A 83 -12.79 -26.20 -19.28
C LEU A 83 -11.48 -26.96 -19.36
N GLU A 84 -10.45 -26.25 -19.79
CA GLU A 84 -9.08 -26.75 -19.81
C GLU A 84 -8.29 -26.08 -18.69
N ALA A 85 -7.21 -26.74 -18.27
CA ALA A 85 -6.37 -26.14 -17.23
C ALA A 85 -5.68 -24.88 -17.70
N GLU A 86 -5.60 -24.66 -19.01
CA GLU A 86 -4.95 -23.49 -19.59
C GLU A 86 -5.91 -22.32 -19.77
N ASP A 87 -7.12 -22.40 -19.21
CA ASP A 87 -8.08 -21.31 -19.27
C ASP A 87 -7.91 -20.35 -18.10
N VAL A 88 -7.00 -20.65 -17.17
CA VAL A 88 -6.69 -19.72 -16.08
C VAL A 88 -6.34 -18.35 -16.64
N GLY A 89 -6.83 -17.32 -15.97
CA GLY A 89 -6.56 -15.95 -16.38
C GLY A 89 -7.61 -15.03 -15.80
N ILE A 90 -7.60 -13.79 -16.29
CA ILE A 90 -8.59 -12.79 -15.91
C ILE A 90 -9.41 -12.44 -17.13
N TYR A 91 -10.73 -12.55 -16.99
CA TYR A 91 -11.67 -12.28 -18.07
C TYR A 91 -12.33 -10.92 -17.82
N TYR A 92 -12.04 -9.98 -18.69
CA TYR A 92 -12.54 -8.61 -18.62
C TYR A 92 -13.64 -8.41 -19.67
N CYS A 93 -14.64 -7.60 -19.35
CA CYS A 93 -15.62 -7.15 -20.33
C CYS A 93 -15.45 -5.66 -20.59
N MET A 94 -15.46 -5.27 -21.87
CA MET A 94 -15.38 -3.87 -22.29
C MET A 94 -16.51 -3.58 -23.28
N GLN A 95 -16.68 -2.29 -23.59
CA GLN A 95 -17.73 -1.84 -24.51
C GLN A 95 -17.23 -0.68 -25.36
N HIS A 96 -17.78 -0.58 -26.56
CA HIS A 96 -17.44 0.44 -27.53
C HIS A 96 -18.62 1.37 -27.81
N LEU A 97 -19.39 1.71 -26.77
CA LEU A 97 -20.59 2.52 -26.93
C LEU A 97 -20.34 3.96 -26.53
N GLU A 98 -20.43 4.27 -25.23
CA GLU A 98 -20.10 5.62 -24.83
C GLU A 98 -18.62 5.83 -25.07
N TYR A 99 -18.25 7.04 -25.49
CA TYR A 99 -16.88 7.24 -25.94
C TYR A 99 -15.84 6.94 -24.86
N PRO A 100 -16.05 7.26 -23.58
CA PRO A 100 -15.10 6.74 -22.58
C PRO A 100 -15.26 5.23 -22.50
N PHE A 101 -14.36 4.51 -23.15
CA PHE A 101 -14.41 3.06 -23.20
C PHE A 101 -13.95 2.51 -21.86
N THR A 102 -14.82 1.75 -21.20
CA THR A 102 -14.58 1.32 -19.83
C THR A 102 -14.53 -0.19 -19.76
N PHE A 103 -13.55 -0.71 -19.02
CA PHE A 103 -13.52 -2.12 -18.70
C PHE A 103 -14.26 -2.38 -17.39
N GLY A 104 -14.39 -3.66 -17.06
CA GLY A 104 -14.91 -4.08 -15.77
C GLY A 104 -13.77 -4.47 -14.84
N GLY A 105 -14.15 -4.88 -13.64
CA GLY A 105 -13.14 -5.29 -12.68
C GLY A 105 -12.50 -6.64 -12.97
N GLY A 106 -12.80 -7.22 -14.13
CA GLY A 106 -12.31 -8.54 -14.49
C GLY A 106 -12.77 -9.66 -13.57
N THR A 107 -12.46 -10.90 -13.94
CA THR A 107 -12.76 -12.06 -13.10
C THR A 107 -11.63 -13.07 -13.23
N LYS A 108 -11.10 -13.51 -12.10
CA LYS A 108 -10.00 -14.48 -12.08
C LYS A 108 -10.59 -15.89 -12.04
N LEU A 109 -10.32 -16.66 -13.09
CA LEU A 109 -10.80 -18.03 -13.20
C LEU A 109 -9.76 -19.00 -12.63
N GLU A 110 -10.14 -19.70 -11.56
CA GLU A 110 -9.28 -20.69 -10.91
C GLU A 110 -9.80 -22.09 -11.21
N ILE A 111 -8.91 -22.96 -11.67
CA ILE A 111 -9.27 -24.33 -12.06
C ILE A 111 -9.03 -25.26 -10.88
N LYS A 112 -9.99 -26.16 -10.64
CA LYS A 112 -9.86 -27.12 -9.55
C LYS A 112 -9.06 -28.33 -9.99
N ARG A 113 -8.39 -28.96 -9.05
CA ARG A 113 -7.63 -30.18 -9.34
C ARG A 113 -7.43 -30.95 -8.05
N THR A 114 -6.91 -32.17 -8.20
CA THR A 114 -6.65 -33.05 -7.07
C THR A 114 -5.55 -32.49 -6.18
N VAL A 115 -5.76 -32.59 -4.86
CA VAL A 115 -4.79 -32.21 -3.84
C VAL A 115 -3.40 -32.69 -4.20
N ALA A 116 -2.43 -31.79 -4.20
CA ALA A 116 -1.05 -32.10 -4.55
C ALA A 116 -0.13 -31.57 -3.45
N ALA A 117 0.63 -32.47 -2.84
CA ALA A 117 1.58 -32.07 -1.82
C ALA A 117 2.73 -31.29 -2.45
N PRO A 118 3.19 -30.21 -1.82
CA PRO A 118 4.33 -29.45 -2.37
C PRO A 118 5.64 -30.21 -2.20
N SER A 119 6.51 -30.09 -3.19
CA SER A 119 7.88 -30.57 -3.07
C SER A 119 8.75 -29.43 -2.54
N VAL A 120 9.47 -29.69 -1.45
CA VAL A 120 10.13 -28.63 -0.70
C VAL A 120 11.64 -28.71 -0.93
N PHE A 121 12.26 -27.55 -1.15
CA PHE A 121 13.70 -27.44 -1.38
C PHE A 121 14.24 -26.26 -0.58
N ILE A 122 15.45 -26.39 -0.05
CA ILE A 122 16.11 -25.28 0.63
C ILE A 122 17.46 -25.02 -0.04
N PHE A 123 17.78 -23.74 -0.23
CA PHE A 123 19.01 -23.29 -0.85
C PHE A 123 19.76 -22.40 0.14
N PRO A 124 20.99 -22.76 0.51
CA PRO A 124 21.81 -21.90 1.35
C PRO A 124 22.38 -20.74 0.56
N PRO A 125 22.99 -19.75 1.22
CA PRO A 125 23.57 -18.63 0.49
C PRO A 125 24.81 -19.03 -0.29
N SER A 126 24.91 -18.51 -1.51
CA SER A 126 26.15 -18.62 -2.27
C SER A 126 27.32 -18.00 -1.52
N ASP A 127 28.50 -18.59 -1.72
CA ASP A 127 29.73 -17.99 -1.18
C ASP A 127 29.95 -16.60 -1.74
N GLU A 128 29.69 -16.41 -3.04
CA GLU A 128 29.85 -15.11 -3.66
C GLU A 128 29.04 -14.04 -2.93
N GLN A 129 27.78 -14.34 -2.62
CA GLN A 129 26.97 -13.38 -1.87
C GLN A 129 27.56 -13.16 -0.49
N LEU A 130 28.12 -14.20 0.12
CA LEU A 130 28.70 -14.07 1.44
C LEU A 130 29.96 -13.20 1.44
N LYS A 131 30.64 -13.11 0.30
CA LYS A 131 31.73 -12.14 0.16
C LYS A 131 31.26 -10.74 0.55
N SER A 132 30.05 -10.36 0.12
CA SER A 132 29.49 -9.08 0.51
C SER A 132 28.97 -9.18 1.95
N GLY A 133 28.05 -8.32 2.33
CA GLY A 133 27.59 -8.35 3.71
C GLY A 133 26.34 -9.14 4.01
N THR A 134 25.66 -9.69 3.01
CA THR A 134 24.34 -10.27 3.22
C THR A 134 24.32 -11.75 2.84
N ALA A 135 23.43 -12.50 3.50
CA ALA A 135 23.21 -13.92 3.28
C ALA A 135 21.72 -14.15 3.07
N SER A 136 21.36 -14.64 1.89
CA SER A 136 19.98 -14.97 1.53
C SER A 136 19.80 -16.48 1.53
N VAL A 137 18.75 -16.96 2.20
CA VAL A 137 18.41 -18.38 2.26
C VAL A 137 17.03 -18.57 1.64
N VAL A 138 16.94 -19.42 0.63
CA VAL A 138 15.70 -19.56 -0.15
C VAL A 138 15.02 -20.88 0.19
N CYS A 139 13.70 -20.85 0.36
CA CYS A 139 12.88 -22.03 0.50
C CYS A 139 11.85 -22.08 -0.62
N LEU A 140 11.78 -23.22 -1.31
CA LEU A 140 10.90 -23.44 -2.44
C LEU A 140 9.83 -24.46 -2.08
N LEU A 141 8.58 -24.12 -2.34
CA LEU A 141 7.42 -25.01 -2.21
C LEU A 141 6.86 -25.17 -3.62
N ASN A 142 7.12 -26.30 -4.25
CA ASN A 142 6.85 -26.48 -5.67
C ASN A 142 5.57 -27.27 -5.91
N ASN A 143 4.70 -26.72 -6.76
CA ASN A 143 3.63 -27.45 -7.44
C ASN A 143 2.68 -28.10 -6.43
N PHE A 144 1.99 -27.26 -5.67
CA PHE A 144 1.00 -27.71 -4.71
C PHE A 144 -0.36 -27.16 -5.07
N TYR A 145 -1.39 -27.81 -4.52
CA TYR A 145 -2.77 -27.39 -4.67
C TYR A 145 -3.51 -27.93 -3.44
N PRO A 146 -4.30 -27.10 -2.75
CA PRO A 146 -4.73 -25.74 -3.13
C PRO A 146 -3.77 -24.63 -2.70
N ARG A 147 -4.29 -23.39 -2.73
CA ARG A 147 -3.45 -22.22 -2.49
C ARG A 147 -2.94 -22.14 -1.06
N GLU A 148 -3.80 -22.42 -0.08
CA GLU A 148 -3.42 -22.26 1.33
C GLU A 148 -2.29 -23.21 1.73
N ALA A 149 -1.12 -22.67 2.03
CA ALA A 149 0.02 -23.44 2.51
C ALA A 149 0.68 -22.66 3.63
N LYS A 150 1.40 -23.36 4.49
CA LYS A 150 2.02 -22.74 5.65
C LYS A 150 3.48 -23.16 5.74
N TYR A 151 4.35 -22.21 6.07
CA TYR A 151 5.77 -22.52 6.25
C TYR A 151 6.36 -21.65 7.35
N GLN A 152 7.42 -22.18 7.97
CA GLN A 152 8.12 -21.51 9.05
C GLN A 152 9.63 -21.68 8.89
N TRP A 153 10.34 -20.56 8.92
CA TRP A 153 11.79 -20.56 9.01
C TRP A 153 12.23 -20.87 10.43
N LYS A 154 13.35 -21.59 10.55
CA LYS A 154 13.83 -22.04 11.86
C LYS A 154 15.35 -22.05 11.84
N VAL A 155 15.96 -21.15 12.60
CA VAL A 155 17.42 -21.10 12.74
C VAL A 155 17.76 -21.65 14.11
N ASP A 156 18.48 -22.78 14.13
CA ASP A 156 18.80 -23.50 15.37
C ASP A 156 17.55 -23.70 16.21
N ASN A 157 16.45 -24.08 15.55
CA ASN A 157 15.16 -24.47 16.14
C ASN A 157 14.35 -23.29 16.64
N ALA A 158 14.78 -22.05 16.37
CA ALA A 158 14.07 -20.87 16.82
C ALA A 158 13.24 -20.29 15.67
N LEU A 159 11.98 -19.99 15.95
CA LEU A 159 11.11 -19.35 14.98
C LEU A 159 11.71 -18.02 14.52
N GLN A 160 11.39 -17.65 13.28
CA GLN A 160 11.79 -16.38 12.70
C GLN A 160 10.56 -15.57 12.34
N SER A 161 10.70 -14.24 12.43
CA SER A 161 9.68 -13.36 11.87
C SER A 161 10.32 -12.03 11.54
N GLY A 162 9.61 -11.24 10.74
CA GLY A 162 10.10 -9.95 10.29
C GLY A 162 11.15 -9.98 9.20
N ASN A 163 12.01 -11.00 9.17
CA ASN A 163 13.12 -11.08 8.24
C ASN A 163 12.87 -11.95 7.01
N SER A 164 11.63 -12.37 6.74
CA SER A 164 11.37 -13.19 5.57
C SER A 164 10.41 -12.49 4.60
N GLN A 165 10.49 -12.87 3.33
CA GLN A 165 9.62 -12.34 2.29
C GLN A 165 9.27 -13.42 1.28
N GLU A 166 8.02 -13.45 0.85
CA GLU A 166 7.52 -14.52 0.02
C GLU A 166 6.98 -13.99 -1.30
N SER A 167 7.15 -14.79 -2.34
CA SER A 167 6.51 -14.58 -3.64
C SER A 167 5.78 -15.86 -4.04
N VAL A 168 4.70 -15.69 -4.81
CA VAL A 168 3.84 -16.79 -5.23
C VAL A 168 3.60 -16.70 -6.73
N THR A 169 3.75 -17.84 -7.42
CA THR A 169 3.41 -17.91 -8.83
C THR A 169 1.90 -17.93 -9.01
N GLU A 170 1.47 -17.68 -10.24
CA GLU A 170 0.07 -17.88 -10.60
C GLU A 170 -0.21 -19.37 -10.81
N GLN A 171 -1.49 -19.71 -10.83
CA GLN A 171 -1.90 -21.08 -11.12
C GLN A 171 -1.35 -21.49 -12.48
N ASP A 172 -0.64 -22.61 -12.52
CA ASP A 172 0.02 -23.04 -13.74
C ASP A 172 -1.01 -23.28 -14.84
N SER A 173 -0.61 -22.96 -16.08
CA SER A 173 -1.51 -23.17 -17.20
C SER A 173 -1.66 -24.65 -17.52
N LYS A 174 -0.67 -25.48 -17.15
CA LYS A 174 -0.66 -26.89 -17.53
C LYS A 174 -1.17 -27.82 -16.43
N ASP A 175 -0.61 -27.73 -15.21
CA ASP A 175 -1.05 -28.60 -14.12
C ASP A 175 -1.84 -27.86 -13.06
N SER A 176 -2.06 -26.55 -13.23
CA SER A 176 -2.93 -25.76 -12.36
C SER A 176 -2.55 -25.87 -10.88
N THR A 177 -1.25 -25.92 -10.62
CA THR A 177 -0.71 -25.88 -9.27
C THR A 177 -0.05 -24.55 -8.99
N TYR A 178 0.18 -24.28 -7.71
CA TYR A 178 0.88 -23.08 -7.27
C TYR A 178 2.28 -23.43 -6.78
N SER A 179 3.19 -22.47 -6.92
CA SER A 179 4.53 -22.56 -6.34
C SER A 179 4.80 -21.31 -5.53
N LEU A 180 5.69 -21.43 -4.55
CA LEU A 180 5.94 -20.36 -3.61
C LEU A 180 7.41 -20.36 -3.23
N SER A 181 7.98 -19.17 -3.10
CA SER A 181 9.36 -19.04 -2.63
C SER A 181 9.40 -18.07 -1.47
N SER A 182 10.19 -18.39 -0.45
CA SER A 182 10.43 -17.51 0.68
C SER A 182 11.92 -17.27 0.83
N THR A 183 12.30 -16.00 1.02
CA THR A 183 13.68 -15.62 1.19
C THR A 183 13.87 -15.09 2.60
N LEU A 184 14.90 -15.59 3.27
CA LEU A 184 15.27 -15.20 4.63
C LEU A 184 16.60 -14.47 4.54
N THR A 185 16.61 -13.20 4.93
CA THR A 185 17.75 -12.31 4.73
C THR A 185 18.41 -12.02 6.07
N LEU A 186 19.71 -12.30 6.18
CA LEU A 186 20.47 -12.03 7.38
C LEU A 186 21.79 -11.37 7.02
N SER A 187 22.36 -10.65 7.97
CA SER A 187 23.75 -10.23 7.84
C SER A 187 24.65 -11.45 7.81
N LYS A 188 25.80 -11.32 7.12
CA LYS A 188 26.77 -12.40 7.09
C LYS A 188 27.14 -12.86 8.51
N ALA A 189 27.42 -11.90 9.40
CA ALA A 189 27.82 -12.24 10.77
C ALA A 189 26.74 -13.06 11.47
N ASP A 190 25.50 -12.56 11.46
CA ASP A 190 24.41 -13.29 12.09
C ASP A 190 24.26 -14.67 11.49
N TYR A 191 24.42 -14.77 10.16
CA TYR A 191 24.37 -16.08 9.51
C TYR A 191 25.46 -17.00 10.04
N GLU A 192 26.68 -16.49 10.20
CA GLU A 192 27.79 -17.29 10.71
C GLU A 192 27.65 -17.60 12.19
N LYS A 193 26.70 -16.96 12.88
CA LYS A 193 26.47 -17.24 14.29
C LYS A 193 25.61 -18.47 14.55
N HIS A 194 25.17 -19.20 13.51
CA HIS A 194 24.26 -20.32 13.71
C HIS A 194 24.63 -21.47 12.79
N LYS A 195 24.05 -22.64 13.08
CA LYS A 195 24.33 -23.87 12.35
C LYS A 195 23.14 -24.31 11.50
N VAL A 196 22.06 -24.76 12.12
CA VAL A 196 20.98 -25.45 11.41
C VAL A 196 20.01 -24.40 10.86
N TYR A 197 19.85 -24.36 9.53
CA TYR A 197 18.79 -23.58 8.91
C TYR A 197 17.74 -24.53 8.34
N ALA A 198 16.48 -24.26 8.64
CA ALA A 198 15.41 -25.20 8.31
C ALA A 198 14.16 -24.46 7.85
N CYS A 199 13.48 -25.07 6.88
CA CYS A 199 12.19 -24.62 6.38
C CYS A 199 11.18 -25.74 6.64
N GLU A 200 10.07 -25.40 7.31
CA GLU A 200 9.10 -26.40 7.73
C GLU A 200 7.74 -26.06 7.12
N VAL A 201 7.22 -26.98 6.31
CA VAL A 201 6.06 -26.75 5.47
C VAL A 201 4.91 -27.64 5.93
N THR A 202 3.72 -27.07 5.91
CA THR A 202 2.47 -27.72 6.29
C THR A 202 1.47 -27.47 5.17
N HIS A 203 0.89 -28.55 4.65
CA HIS A 203 -0.07 -28.47 3.55
C HIS A 203 -1.07 -29.60 3.67
N GLN A 204 -2.26 -29.37 3.10
CA GLN A 204 -3.33 -30.37 3.13
C GLN A 204 -2.87 -31.72 2.58
N GLY A 205 -2.00 -31.71 1.58
CA GLY A 205 -1.51 -32.92 0.93
C GLY A 205 -0.40 -33.66 1.63
N LEU A 206 0.00 -33.24 2.84
CA LEU A 206 1.08 -33.86 3.58
C LEU A 206 0.52 -34.61 4.78
N SER A 207 1.10 -35.78 5.07
CA SER A 207 0.70 -36.55 6.24
C SER A 207 1.08 -35.78 7.49
N SER A 208 2.36 -35.60 7.71
CA SER A 208 2.91 -34.72 8.72
C SER A 208 3.62 -33.56 8.04
N PRO A 209 3.89 -32.46 8.77
CA PRO A 209 4.67 -31.37 8.17
C PRO A 209 6.07 -31.84 7.76
N VAL A 210 6.50 -31.37 6.59
CA VAL A 210 7.81 -31.69 6.04
C VAL A 210 8.82 -30.64 6.48
N THR A 211 10.04 -31.06 6.77
CA THR A 211 11.11 -30.13 7.15
C THR A 211 12.34 -30.39 6.29
N LYS A 212 12.73 -29.40 5.51
CA LYS A 212 14.00 -29.43 4.78
C LYS A 212 15.01 -28.54 5.49
N SER A 213 16.27 -28.95 5.51
CA SER A 213 17.24 -28.20 6.29
C SER A 213 18.64 -28.39 5.72
N PHE A 214 19.53 -27.48 6.12
CA PHE A 214 20.96 -27.64 5.87
C PHE A 214 21.75 -27.14 7.08
N ASN A 215 23.06 -27.40 7.02
CA ASN A 215 24.02 -27.05 8.05
C ASN A 215 25.15 -26.26 7.40
N ARG A 216 25.47 -25.10 7.98
CA ARG A 216 26.47 -24.20 7.42
C ARG A 216 27.79 -24.90 7.12
N GLY A 217 28.12 -25.02 5.85
CA GLY A 217 29.32 -25.68 5.39
C GLY A 217 29.09 -27.10 4.93
N GLU A 218 28.27 -27.23 3.87
CA GLU A 218 27.91 -28.46 3.14
C GLU A 218 26.50 -28.28 2.58
N GLN B 3 1.84 -8.41 -36.26
CA GLN B 3 2.66 -8.55 -35.06
C GLN B 3 3.38 -7.24 -34.78
N LEU B 4 3.22 -6.72 -33.56
CA LEU B 4 3.64 -5.36 -33.24
C LEU B 4 4.34 -5.33 -31.89
N LEU B 5 5.50 -4.65 -31.82
CA LEU B 5 6.26 -4.54 -30.59
C LEU B 5 6.33 -3.08 -30.18
N GLN B 6 6.52 -2.85 -28.88
CA GLN B 6 6.63 -1.50 -28.35
C GLN B 6 7.85 -1.42 -27.45
N SER B 7 8.67 -0.38 -27.66
CA SER B 7 9.95 -0.24 -26.97
C SER B 7 9.70 0.43 -25.62
N GLY B 8 9.88 -0.31 -24.54
CA GLY B 8 9.51 0.20 -23.24
C GLY B 8 10.59 0.27 -22.19
N ALA B 9 10.21 0.01 -20.93
CA ALA B 9 11.12 0.02 -19.79
C ALA B 9 11.60 1.46 -19.59
N GLU B 10 10.76 2.28 -18.95
CA GLU B 10 11.08 3.68 -18.71
C GLU B 10 11.11 3.93 -17.21
N LEU B 11 12.12 4.68 -16.76
CA LEU B 11 12.20 5.18 -15.39
C LEU B 11 12.33 6.69 -15.43
N VAL B 12 11.35 7.40 -14.87
CA VAL B 12 11.37 8.86 -14.87
C VAL B 12 10.89 9.39 -13.53
N ARG B 13 11.34 10.60 -13.20
CA ARG B 13 11.06 11.18 -11.90
C ARG B 13 9.70 11.87 -11.92
N SER B 14 9.07 11.90 -10.75
CA SER B 14 7.74 12.49 -10.57
C SER B 14 7.67 13.92 -11.07
N GLY B 15 7.01 14.12 -12.22
CA GLY B 15 6.93 15.42 -12.86
C GLY B 15 7.59 15.49 -14.23
N ALA B 16 8.19 14.43 -14.72
CA ALA B 16 8.83 14.44 -16.03
C ALA B 16 7.82 14.01 -17.10
N SER B 17 8.30 13.53 -18.24
CA SER B 17 7.44 13.19 -19.36
C SER B 17 8.13 12.13 -20.20
N VAL B 18 7.33 11.28 -20.85
CA VAL B 18 7.88 10.18 -21.65
C VAL B 18 7.14 10.07 -22.98
N LYS B 19 7.84 9.51 -23.97
CA LYS B 19 7.28 9.18 -25.27
C LYS B 19 7.55 7.71 -25.54
N LEU B 20 6.49 6.92 -25.68
CA LEU B 20 6.58 5.49 -25.91
C LEU B 20 6.26 5.19 -27.37
N SER B 21 7.08 4.34 -27.98
CA SER B 21 6.92 3.91 -29.37
C SER B 21 6.11 2.62 -29.45
N CYS B 22 5.65 2.32 -30.66
CA CYS B 22 4.84 1.11 -30.89
C CYS B 22 4.96 0.80 -32.39
N THR B 23 5.84 -0.13 -32.75
CA THR B 23 6.14 -0.42 -34.14
C THR B 23 5.31 -1.60 -34.63
N ALA B 24 5.05 -1.60 -35.93
CA ALA B 24 4.15 -2.55 -36.57
C ALA B 24 4.91 -3.34 -37.62
N SER B 25 4.79 -4.68 -37.57
CA SER B 25 5.46 -5.54 -38.54
C SER B 25 4.47 -6.29 -39.44
N GLY B 26 3.26 -5.76 -39.64
CA GLY B 26 2.34 -6.40 -40.56
C GLY B 26 1.37 -5.50 -41.28
N PHE B 27 0.88 -4.45 -40.62
CA PHE B 27 -0.15 -3.60 -41.22
C PHE B 27 -0.05 -2.22 -40.57
N ASN B 28 -0.96 -1.32 -40.96
CA ASN B 28 -1.09 -0.02 -40.31
C ASN B 28 -2.32 0.74 -40.76
N ILE B 29 -3.51 0.24 -40.44
CA ILE B 29 -4.74 1.00 -40.60
C ILE B 29 -5.39 1.07 -39.22
N GLU B 30 -6.65 1.52 -39.17
CA GLU B 30 -7.44 1.55 -37.94
C GLU B 30 -6.74 2.29 -36.80
N MET B 34 -3.29 3.51 -32.93
CA MET B 34 -4.57 2.81 -32.92
C MET B 34 -5.26 3.02 -31.58
N HIS B 35 -5.10 2.10 -30.64
CA HIS B 35 -5.66 2.25 -29.31
C HIS B 35 -4.55 2.09 -28.28
N TRP B 36 -4.66 2.86 -27.20
CA TRP B 36 -3.74 2.68 -26.08
C TRP B 36 -4.53 2.37 -24.80
N MET B 37 -3.89 1.59 -23.92
CA MET B 37 -4.48 1.21 -22.65
C MET B 37 -3.42 1.19 -21.56
N LYS B 38 -3.87 1.38 -20.32
CA LYS B 38 -3.00 1.48 -19.15
C LYS B 38 -3.47 0.51 -18.07
N GLN B 39 -2.52 -0.25 -17.51
CA GLN B 39 -2.79 -1.22 -16.45
C GLN B 39 -1.88 -0.91 -15.26
N ARG B 40 -2.48 -0.44 -14.17
CA ARG B 40 -1.75 -0.30 -12.91
C ARG B 40 -1.19 -1.65 -12.50
N PRO B 41 0.01 -1.70 -11.89
CA PRO B 41 0.77 -2.96 -11.76
C PRO B 41 0.00 -4.16 -11.22
N GLU B 42 -1.08 -3.94 -10.48
CA GLU B 42 -1.89 -5.02 -9.92
C GLU B 42 -3.36 -4.63 -9.97
N GLN B 43 -3.81 -4.13 -11.13
CA GLN B 43 -5.15 -3.60 -11.27
C GLN B 43 -5.70 -3.91 -12.65
N GLY B 44 -6.96 -3.56 -12.85
CA GLY B 44 -7.64 -3.78 -14.10
C GLY B 44 -7.14 -2.85 -15.21
N LEU B 45 -7.63 -3.11 -16.41
CA LEU B 45 -7.29 -2.31 -17.58
C LEU B 45 -8.02 -0.97 -17.59
N GLU B 46 -7.40 0.02 -18.22
CA GLU B 46 -7.99 1.33 -18.44
C GLU B 46 -7.72 1.78 -19.86
N TRP B 47 -8.65 2.53 -20.43
CA TRP B 47 -8.57 2.96 -21.82
C TRP B 47 -7.94 4.34 -21.90
N ILE B 48 -6.90 4.47 -22.74
CA ILE B 48 -6.35 5.78 -23.04
C ILE B 48 -7.15 6.39 -24.17
N GLY B 49 -6.82 6.06 -25.41
CA GLY B 49 -7.52 6.69 -26.50
C GLY B 49 -7.30 6.02 -27.83
N TRP B 50 -7.80 6.72 -28.86
CA TRP B 50 -7.87 6.28 -30.25
C TRP B 50 -7.24 7.29 -31.18
N ILE B 51 -6.43 6.80 -32.12
CA ILE B 51 -5.76 7.63 -33.12
C ILE B 51 -5.91 6.98 -34.49
N ASP B 52 -6.34 7.77 -35.47
CA ASP B 52 -6.47 7.36 -36.87
C ASP B 52 -5.12 7.49 -37.58
N PRO B 53 -4.53 6.37 -38.02
CA PRO B 53 -3.17 6.39 -38.57
C PRO B 53 -2.90 7.51 -39.58
N VAL B 54 -3.85 7.78 -40.48
CA VAL B 54 -3.62 8.73 -41.57
C VAL B 54 -3.89 10.16 -41.13
N ASN B 55 -4.97 10.38 -40.38
CA ASN B 55 -5.40 11.71 -39.94
C ASN B 55 -5.41 11.76 -38.43
N GLY B 56 -4.70 12.72 -37.85
CA GLY B 56 -4.64 12.76 -36.40
C GLY B 56 -5.94 13.20 -35.77
N ASP B 57 -6.91 12.28 -35.78
CA ASP B 57 -8.22 12.47 -35.14
C ASP B 57 -8.20 11.70 -33.83
N THR B 58 -8.00 12.39 -32.71
CA THR B 58 -7.61 11.74 -31.46
C THR B 58 -8.56 12.05 -30.32
N GLU B 59 -9.46 11.12 -30.01
CA GLU B 59 -10.28 11.19 -28.81
C GLU B 59 -9.46 10.70 -27.63
N TYR B 60 -9.75 11.23 -26.44
CA TYR B 60 -9.07 10.79 -25.23
C TYR B 60 -10.04 10.63 -24.08
N ALA B 61 -9.58 9.88 -23.06
CA ALA B 61 -10.37 9.62 -21.87
C ALA B 61 -10.49 10.89 -21.02
N PRO B 62 -11.43 10.90 -20.06
CA PRO B 62 -11.54 12.07 -19.16
C PRO B 62 -10.27 12.41 -18.38
N LYS B 63 -9.48 11.42 -17.95
CA LYS B 63 -8.33 11.69 -17.11
C LYS B 63 -7.02 11.78 -17.88
N PHE B 64 -7.02 11.43 -19.16
CA PHE B 64 -5.84 11.49 -20.01
C PHE B 64 -5.87 12.63 -21.01
N GLN B 65 -6.92 13.46 -20.98
CA GLN B 65 -7.02 14.63 -21.86
C GLN B 65 -5.75 15.48 -21.81
N GLY B 66 -5.44 16.03 -20.65
CA GLY B 66 -4.23 16.83 -20.53
C GLY B 66 -2.94 16.06 -20.42
N LYS B 67 -3.01 14.74 -20.28
CA LYS B 67 -1.81 13.91 -20.13
C LYS B 67 -1.37 13.22 -21.42
N ALA B 68 -2.28 12.54 -22.11
CA ALA B 68 -1.93 11.73 -23.27
C ALA B 68 -1.95 12.53 -24.57
N THR B 69 -1.03 12.18 -25.46
CA THR B 69 -0.90 12.77 -26.79
C THR B 69 -0.38 11.69 -27.73
N MET B 70 -1.11 11.41 -28.81
CA MET B 70 -0.79 10.33 -29.74
C MET B 70 -0.49 10.78 -31.17
N THR B 71 0.54 10.16 -31.75
CA THR B 71 0.99 10.49 -33.09
C THR B 71 1.36 9.21 -33.84
N ALA B 72 1.64 9.36 -35.13
CA ALA B 72 2.03 8.25 -35.98
C ALA B 72 2.87 8.77 -37.14
N ASP B 73 3.84 7.96 -37.58
CA ASP B 73 4.81 8.36 -38.59
C ASP B 73 4.65 7.66 -39.94
N THR B 74 4.04 6.48 -39.98
CA THR B 74 3.80 5.74 -41.22
C THR B 74 5.07 5.59 -42.07
N ASN B 77 5.98 3.66 -39.77
CA ASN B 77 5.04 2.57 -39.53
C ASN B 77 4.91 2.31 -38.03
N THR B 78 4.96 3.39 -37.25
CA THR B 78 4.90 3.30 -35.80
C THR B 78 3.89 4.29 -35.25
N ALA B 79 3.48 4.05 -34.01
CA ALA B 79 2.63 4.94 -33.23
C ALA B 79 3.40 5.42 -32.01
N TYR B 80 2.97 6.56 -31.48
CA TYR B 80 3.67 7.21 -30.38
C TYR B 80 2.67 7.74 -29.35
N LEU B 81 2.98 7.52 -28.08
CA LEU B 81 2.18 8.00 -26.95
C LEU B 81 3.07 8.82 -26.02
N HIS B 82 2.80 10.11 -25.93
CA HIS B 82 3.53 11.01 -25.05
C HIS B 82 2.68 11.37 -23.84
N LEU B 83 3.19 11.06 -22.65
CA LEU B 83 2.62 11.46 -21.37
C LEU B 83 3.49 12.56 -20.75
N ASN B 84 2.86 13.35 -19.87
CA ASN B 84 3.54 14.43 -19.17
C ASN B 84 2.96 14.55 -17.76
N SER B 85 3.74 15.20 -16.89
CA SER B 85 3.32 15.50 -15.51
C SER B 85 3.02 14.21 -14.74
N LEU B 86 3.96 13.27 -14.82
CA LEU B 86 3.75 11.93 -14.30
C LEU B 86 3.91 11.89 -12.79
N THR B 87 2.93 11.32 -12.11
CA THR B 87 3.01 11.02 -10.69
C THR B 87 3.14 9.51 -10.51
N SER B 88 3.23 9.07 -9.24
CA SER B 88 3.33 7.65 -8.95
C SER B 88 2.08 6.89 -9.41
N GLU B 89 0.94 7.56 -9.55
CA GLU B 89 -0.26 6.92 -10.05
C GLU B 89 -0.20 6.64 -11.55
N ASP B 90 0.88 7.04 -12.22
CA ASP B 90 1.08 6.73 -13.62
C ASP B 90 2.06 5.59 -13.84
N THR B 91 2.67 5.08 -12.78
CA THR B 91 3.52 3.89 -12.87
C THR B 91 2.69 2.70 -13.29
N ALA B 92 2.82 2.27 -14.55
CA ALA B 92 1.90 1.27 -15.07
C ALA B 92 2.42 0.71 -16.38
N VAL B 93 1.76 -0.37 -16.85
CA VAL B 93 2.04 -0.95 -18.16
C VAL B 93 1.13 -0.31 -19.19
N TYR B 94 1.69 -0.03 -20.37
CA TYR B 94 0.97 0.63 -21.44
C TYR B 94 0.98 -0.24 -22.69
N TYR B 95 -0.20 -0.57 -23.19
CA TYR B 95 -0.40 -1.43 -24.34
C TYR B 95 -0.92 -0.62 -25.53
N CYS B 96 -0.45 -0.95 -26.73
CA CYS B 96 -1.04 -0.45 -27.97
C CYS B 96 -1.67 -1.63 -28.72
N ASN B 97 -2.97 -1.50 -29.03
CA ASN B 97 -3.69 -2.52 -29.78
C ASN B 97 -4.45 -1.95 -30.96
N PHE B 98 -4.47 -2.72 -32.06
CA PHE B 98 -5.06 -2.34 -33.35
C PHE B 98 -6.13 -3.35 -33.78
N TYR B 99 -7.35 -3.19 -33.28
CA TYR B 99 -8.46 -4.07 -33.64
C TYR B 99 -9.05 -3.64 -34.99
N ASP B 100 -9.28 -4.60 -35.89
CA ASP B 100 -9.77 -4.33 -37.22
C ASP B 100 -11.30 -4.42 -37.35
N GLY B 101 -12.03 -4.27 -36.24
CA GLY B 101 -13.48 -4.26 -36.32
C GLY B 101 -14.14 -5.62 -36.46
N TYR B 102 -13.39 -6.69 -36.73
CA TYR B 102 -14.04 -7.96 -37.02
C TYR B 102 -13.59 -9.07 -36.09
N LEU B 103 -12.45 -9.71 -36.37
CA LEU B 103 -11.98 -10.79 -35.51
C LEU B 103 -10.47 -10.94 -35.60
N PHE B 104 -9.73 -9.84 -35.60
CA PHE B 104 -8.28 -9.92 -35.77
C PHE B 104 -7.60 -8.85 -34.93
N ALA B 105 -7.88 -8.84 -33.63
CA ALA B 105 -7.28 -7.88 -32.69
C ALA B 105 -5.88 -8.31 -32.29
N PHE B 106 -4.90 -7.43 -32.51
CA PHE B 106 -3.52 -7.62 -32.08
C PHE B 106 -3.19 -6.68 -30.91
N TRP B 107 -2.22 -7.11 -30.10
CA TRP B 107 -1.76 -6.36 -28.94
C TRP B 107 -0.24 -6.42 -28.84
N GLY B 108 0.35 -5.33 -28.33
CA GLY B 108 1.77 -5.32 -28.01
C GLY B 108 2.07 -5.93 -26.66
N GLN B 109 3.37 -6.22 -26.45
CA GLN B 109 3.79 -6.84 -25.21
C GLN B 109 3.74 -5.92 -24.00
N GLY B 110 3.43 -4.64 -24.21
CA GLY B 110 3.34 -3.69 -23.11
C GLY B 110 4.66 -2.96 -22.84
N THR B 111 4.53 -1.81 -22.20
CA THR B 111 5.66 -0.97 -21.83
C THR B 111 5.50 -0.53 -20.38
N LEU B 112 6.44 -0.91 -19.52
CA LEU B 112 6.39 -0.50 -18.13
C LEU B 112 6.98 0.89 -17.93
N VAL B 113 6.22 1.75 -17.25
CA VAL B 113 6.66 3.11 -16.95
C VAL B 113 6.67 3.25 -15.43
N THR B 114 7.87 3.30 -14.87
CA THR B 114 8.07 3.50 -13.43
C THR B 114 8.38 4.97 -13.17
N VAL B 115 7.63 5.56 -12.25
CA VAL B 115 7.79 6.97 -11.87
C VAL B 115 8.36 6.98 -10.46
N SER B 116 9.66 7.27 -10.35
CA SER B 116 10.33 7.27 -9.06
C SER B 116 11.58 8.13 -9.13
N ALA B 117 11.99 8.64 -7.96
CA ALA B 117 13.26 9.33 -7.82
C ALA B 117 14.44 8.35 -7.71
N ALA B 118 14.17 7.09 -7.42
CA ALA B 118 15.21 6.12 -7.13
C ALA B 118 16.12 5.90 -8.34
N SER B 119 17.39 5.60 -8.06
CA SER B 119 18.37 5.37 -9.11
C SER B 119 18.26 3.95 -9.66
N THR B 120 18.63 3.79 -10.92
CA THR B 120 18.71 2.46 -11.52
C THR B 120 19.89 1.71 -10.91
N LYS B 121 19.64 0.47 -10.48
CA LYS B 121 20.71 -0.38 -9.97
C LYS B 121 20.66 -1.72 -10.68
N GLY B 122 21.80 -2.15 -11.20
CA GLY B 122 21.94 -3.47 -11.77
C GLY B 122 21.76 -4.56 -10.73
N PRO B 123 21.27 -5.72 -11.16
CA PRO B 123 21.07 -6.83 -10.22
C PRO B 123 22.34 -7.64 -9.99
N SER B 124 22.44 -8.19 -8.79
CA SER B 124 23.37 -9.26 -8.51
C SER B 124 22.67 -10.60 -8.77
N VAL B 125 23.40 -11.55 -9.33
CA VAL B 125 22.85 -12.86 -9.70
C VAL B 125 23.63 -13.94 -8.96
N PHE B 126 22.96 -14.64 -8.06
CA PHE B 126 23.57 -15.68 -7.26
C PHE B 126 22.93 -17.05 -7.55
N PRO B 127 23.70 -18.12 -7.49
CA PRO B 127 23.13 -19.44 -7.73
C PRO B 127 22.34 -19.96 -6.54
N LEU B 128 21.28 -20.71 -6.86
CA LEU B 128 20.54 -21.53 -5.90
C LEU B 128 20.95 -22.95 -6.27
N ALA B 129 22.07 -23.40 -5.71
CA ALA B 129 22.71 -24.64 -6.12
C ALA B 129 21.93 -25.88 -5.66
N PRO B 130 21.71 -26.85 -6.53
CA PRO B 130 21.15 -28.12 -6.11
C PRO B 130 22.22 -29.01 -5.47
N SER B 131 21.76 -30.04 -4.79
CA SER B 131 22.65 -30.99 -4.13
C SER B 131 22.47 -32.43 -4.61
N SER B 132 21.23 -32.84 -4.86
CA SER B 132 20.85 -34.20 -5.22
C SER B 132 21.09 -35.13 -4.02
N LYS B 133 22.31 -35.09 -3.48
CA LYS B 133 22.58 -35.77 -2.20
C LYS B 133 21.63 -35.29 -1.12
N SER B 134 21.39 -33.98 -1.05
CA SER B 134 20.49 -33.41 -0.06
C SER B 134 19.33 -32.72 -0.75
N THR B 135 18.61 -33.48 -1.58
CA THR B 135 17.46 -32.99 -2.33
C THR B 135 16.45 -34.14 -2.40
N SER B 136 15.40 -33.95 -3.19
CA SER B 136 14.38 -34.99 -3.36
C SER B 136 14.95 -36.24 -4.02
N GLY B 137 14.12 -37.25 -4.21
CA GLY B 137 14.59 -38.46 -4.87
C GLY B 137 14.52 -38.38 -6.38
N GLY B 138 13.32 -38.18 -6.92
CA GLY B 138 13.17 -38.06 -8.36
C GLY B 138 13.87 -36.86 -8.95
N THR B 139 13.30 -35.68 -8.76
CA THR B 139 13.82 -34.45 -9.34
C THR B 139 14.53 -33.60 -8.30
N ALA B 140 15.39 -32.70 -8.80
CA ALA B 140 16.19 -31.78 -8.02
C ALA B 140 15.92 -30.37 -8.52
N ALA B 141 15.88 -29.41 -7.61
CA ALA B 141 15.60 -28.03 -7.96
C ALA B 141 16.88 -27.20 -7.91
N LEU B 142 17.07 -26.36 -8.91
CA LEU B 142 18.14 -25.37 -8.91
C LEU B 142 17.56 -24.03 -9.32
N GLY B 143 18.36 -22.97 -9.25
CA GLY B 143 17.78 -21.68 -9.57
C GLY B 143 18.78 -20.55 -9.56
N CYS B 144 18.24 -19.35 -9.76
CA CYS B 144 19.00 -18.11 -9.74
C CYS B 144 18.25 -17.07 -8.90
N LEU B 145 18.97 -16.46 -7.96
CA LEU B 145 18.48 -15.31 -7.20
C LEU B 145 18.96 -14.03 -7.87
N VAL B 146 18.03 -13.19 -8.30
CA VAL B 146 18.30 -11.91 -8.92
C VAL B 146 17.94 -10.86 -7.89
N LYS B 147 18.93 -10.38 -7.15
CA LYS B 147 18.76 -9.53 -5.98
C LYS B 147 19.20 -8.10 -6.25
N ASP B 148 18.49 -7.16 -5.63
CA ASP B 148 18.94 -5.77 -5.45
C ASP B 148 19.08 -5.06 -6.80
N TYR B 149 17.93 -4.89 -7.45
CA TYR B 149 17.87 -4.17 -8.71
C TYR B 149 16.69 -3.20 -8.67
N PHE B 150 16.81 -2.12 -9.46
CA PHE B 150 15.75 -1.15 -9.66
C PHE B 150 16.01 -0.53 -11.03
N PRO B 151 14.96 -0.22 -11.81
CA PRO B 151 13.55 -0.49 -11.57
C PRO B 151 13.15 -1.83 -12.16
N GLU B 152 11.86 -2.10 -12.21
CA GLU B 152 11.37 -3.28 -12.89
C GLU B 152 11.46 -3.08 -14.40
N PRO B 153 11.35 -4.16 -15.19
CA PRO B 153 11.43 -5.56 -14.79
C PRO B 153 12.75 -6.22 -15.17
N VAL B 154 12.96 -7.43 -14.67
CA VAL B 154 14.04 -8.29 -15.14
C VAL B 154 13.39 -9.50 -15.82
N THR B 155 14.16 -10.15 -16.68
CA THR B 155 13.69 -11.32 -17.40
C THR B 155 14.71 -12.43 -17.25
N VAL B 156 14.25 -13.63 -16.92
CA VAL B 156 15.11 -14.79 -16.74
C VAL B 156 14.74 -15.85 -17.78
N SER B 157 15.75 -16.39 -18.44
CA SER B 157 15.58 -17.58 -19.27
C SER B 157 16.57 -18.64 -18.80
N TRP B 158 16.41 -19.86 -19.31
CA TRP B 158 17.29 -20.96 -18.93
C TRP B 158 17.84 -21.63 -20.18
N ASN B 159 19.15 -21.87 -20.18
CA ASN B 159 19.87 -22.42 -21.34
C ASN B 159 19.48 -21.71 -22.63
N SER B 160 19.46 -20.37 -22.57
CA SER B 160 19.17 -19.53 -23.71
C SER B 160 17.84 -19.92 -24.36
N GLY B 161 16.81 -20.03 -23.53
CA GLY B 161 15.47 -20.33 -24.01
C GLY B 161 15.21 -21.79 -24.32
N ALA B 162 16.25 -22.63 -24.34
CA ALA B 162 16.04 -24.05 -24.68
C ALA B 162 15.32 -24.78 -23.57
N LEU B 163 15.68 -24.52 -22.31
CA LEU B 163 15.06 -25.18 -21.17
C LEU B 163 13.87 -24.34 -20.69
N THR B 164 12.67 -24.91 -20.78
CA THR B 164 11.46 -24.24 -20.32
C THR B 164 10.56 -25.13 -19.47
N SER B 165 10.67 -26.45 -19.56
CA SER B 165 9.80 -27.34 -18.80
C SER B 165 10.15 -27.27 -17.32
N GLY B 166 9.13 -27.03 -16.49
CA GLY B 166 9.33 -26.94 -15.05
C GLY B 166 10.14 -25.75 -14.60
N VAL B 167 10.13 -24.67 -15.35
CA VAL B 167 10.70 -23.39 -14.91
C VAL B 167 9.62 -22.58 -14.22
N HIS B 168 9.90 -22.12 -13.01
CA HIS B 168 9.09 -21.13 -12.31
C HIS B 168 9.94 -19.89 -12.10
N THR B 169 9.61 -18.80 -12.79
CA THR B 169 10.17 -17.49 -12.50
C THR B 169 9.14 -16.72 -11.67
N PHE B 170 9.48 -16.46 -10.42
CA PHE B 170 8.55 -15.86 -9.48
C PHE B 170 8.35 -14.37 -9.77
N PRO B 171 7.23 -13.81 -9.29
CA PRO B 171 7.11 -12.35 -9.29
C PRO B 171 8.15 -11.71 -8.38
N ALA B 172 8.63 -10.54 -8.79
CA ALA B 172 9.55 -9.79 -7.96
C ALA B 172 8.86 -9.26 -6.71
N VAL B 173 9.60 -9.20 -5.61
CA VAL B 173 9.14 -8.57 -4.38
C VAL B 173 9.98 -7.33 -4.14
N LEU B 174 9.33 -6.26 -3.67
CA LEU B 174 10.01 -5.01 -3.33
C LEU B 174 10.42 -5.08 -1.87
N GLN B 175 11.72 -5.09 -1.62
CA GLN B 175 12.24 -5.20 -0.26
C GLN B 175 12.10 -3.87 0.46
N SER B 176 12.14 -3.93 1.80
CA SER B 176 12.12 -2.70 2.60
C SER B 176 13.23 -1.75 2.21
N SER B 177 14.34 -2.29 1.68
CA SER B 177 15.44 -1.46 1.19
C SER B 177 15.06 -0.63 -0.03
N GLY B 178 13.88 -0.85 -0.60
CA GLY B 178 13.46 -0.17 -1.80
C GLY B 178 13.96 -0.78 -3.10
N LEU B 179 14.65 -1.91 -3.03
CA LEU B 179 15.15 -2.62 -4.21
C LEU B 179 14.33 -3.89 -4.45
N TYR B 180 14.30 -4.31 -5.70
CA TYR B 180 13.56 -5.50 -6.10
C TYR B 180 14.46 -6.74 -6.08
N SER B 181 13.82 -7.91 -6.01
CA SER B 181 14.54 -9.18 -6.01
C SER B 181 13.57 -10.29 -6.37
N LEU B 182 13.93 -11.12 -7.34
CA LEU B 182 13.14 -12.30 -7.68
C LEU B 182 14.01 -13.54 -7.78
N SER B 183 13.38 -14.70 -7.59
CA SER B 183 14.02 -15.98 -7.79
C SER B 183 13.41 -16.68 -9.00
N SER B 184 14.26 -17.34 -9.78
CA SER B 184 13.82 -18.23 -10.86
C SER B 184 14.37 -19.63 -10.61
N VAL B 185 13.48 -20.58 -10.34
CA VAL B 185 13.86 -21.97 -10.10
C VAL B 185 13.46 -22.83 -11.29
N VAL B 186 14.12 -23.98 -11.40
CA VAL B 186 13.70 -25.03 -12.32
C VAL B 186 13.99 -26.38 -11.67
N THR B 187 13.02 -27.30 -11.76
CA THR B 187 13.22 -28.68 -11.38
C THR B 187 13.73 -29.48 -12.57
N VAL B 188 14.46 -30.55 -12.28
CA VAL B 188 15.29 -31.22 -13.28
C VAL B 188 15.63 -32.62 -12.77
N PRO B 189 15.57 -33.65 -13.62
CA PRO B 189 15.98 -34.98 -13.16
C PRO B 189 17.39 -35.00 -12.60
N SER B 190 17.54 -35.59 -11.41
CA SER B 190 18.81 -35.55 -10.70
C SER B 190 19.90 -36.31 -11.44
N SER B 191 19.51 -37.36 -12.18
CA SER B 191 20.46 -38.08 -13.03
C SER B 191 21.21 -37.14 -13.97
N SER B 192 20.50 -36.17 -14.57
CA SER B 192 21.09 -35.29 -15.56
C SER B 192 22.08 -34.29 -14.96
N LEU B 193 22.18 -34.20 -13.64
CA LEU B 193 23.08 -33.25 -13.02
C LEU B 193 24.53 -33.56 -13.36
N GLY B 194 25.39 -32.55 -13.20
CA GLY B 194 26.81 -32.66 -13.47
C GLY B 194 27.15 -32.88 -14.93
N THR B 195 26.38 -33.74 -15.61
CA THR B 195 26.63 -34.02 -17.02
C THR B 195 26.13 -32.87 -17.87
N GLN B 196 24.87 -32.49 -17.68
CA GLN B 196 24.25 -31.47 -18.50
C GLN B 196 24.44 -30.13 -17.82
N THR B 197 24.41 -29.06 -18.63
CA THR B 197 24.68 -27.72 -18.13
C THR B 197 23.39 -26.92 -17.93
N TYR B 198 23.32 -26.21 -16.81
CA TYR B 198 22.21 -25.33 -16.52
C TYR B 198 22.72 -23.92 -16.30
N ILE B 199 22.18 -22.97 -17.07
CA ILE B 199 22.63 -21.58 -17.07
C ILE B 199 21.40 -20.69 -17.10
N CYS B 200 21.30 -19.75 -16.17
CA CYS B 200 20.24 -18.76 -16.22
C CYS B 200 20.75 -17.49 -16.91
N ASN B 201 19.91 -16.94 -17.77
CA ASN B 201 20.20 -15.73 -18.52
C ASN B 201 19.29 -14.64 -17.97
N VAL B 202 19.87 -13.77 -17.14
CA VAL B 202 19.18 -12.64 -16.54
C VAL B 202 19.40 -11.41 -17.43
N ASN B 203 18.33 -10.66 -17.65
CA ASN B 203 18.39 -9.45 -18.47
C ASN B 203 17.61 -8.35 -17.77
N HIS B 204 18.31 -7.28 -17.41
CA HIS B 204 17.77 -6.07 -16.80
C HIS B 204 18.12 -4.94 -17.77
N LYS B 205 17.17 -4.62 -18.64
CA LYS B 205 17.40 -3.60 -19.66
C LYS B 205 17.65 -2.21 -19.08
N PRO B 206 16.88 -1.72 -18.08
CA PRO B 206 17.12 -0.35 -17.60
C PRO B 206 18.54 -0.06 -17.16
N SER B 207 19.31 -1.07 -16.74
CA SER B 207 20.69 -0.87 -16.34
C SER B 207 21.67 -1.52 -17.30
N ASN B 208 21.20 -1.97 -18.47
CA ASN B 208 22.06 -2.58 -19.49
C ASN B 208 22.82 -3.78 -18.93
N THR B 209 22.16 -4.58 -18.11
CA THR B 209 22.80 -5.72 -17.45
C THR B 209 22.27 -7.04 -18.01
N LYS B 210 23.16 -7.83 -18.60
CA LYS B 210 22.89 -9.22 -18.94
C LYS B 210 23.90 -10.10 -18.23
N VAL B 211 23.41 -11.12 -17.54
CA VAL B 211 24.26 -12.03 -16.79
C VAL B 211 23.91 -13.45 -17.20
N ASP B 212 24.92 -14.23 -17.53
CA ASP B 212 24.75 -15.68 -17.70
C ASP B 212 25.41 -16.31 -16.48
N LYS B 213 24.61 -16.94 -15.64
CA LYS B 213 25.08 -17.56 -14.42
C LYS B 213 24.92 -19.06 -14.54
N ARG B 214 26.04 -19.78 -14.50
CA ARG B 214 26.03 -21.23 -14.52
C ARG B 214 25.71 -21.75 -13.13
N VAL B 215 24.59 -22.43 -12.98
CA VAL B 215 24.20 -23.00 -11.70
C VAL B 215 24.75 -24.42 -11.62
N GLU B 216 25.51 -24.70 -10.57
CA GLU B 216 26.17 -25.98 -10.42
C GLU B 216 25.95 -26.56 -9.03
N PRO B 217 25.94 -27.89 -8.91
CA PRO B 217 25.92 -28.52 -7.58
C PRO B 217 27.12 -28.09 -6.75
N LYS B 218 26.91 -28.03 -5.43
CA LYS B 218 27.91 -27.47 -4.53
C LYS B 218 29.12 -28.40 -4.44
N SER B 219 30.31 -27.83 -4.65
CA SER B 219 31.54 -28.61 -4.59
C SER B 219 32.43 -28.11 -3.45
N ASP C 1 -31.12 21.44 17.01
CA ASP C 1 -30.10 21.82 17.99
C ASP C 1 -30.11 20.86 19.16
N ILE C 2 -30.58 19.65 18.91
CA ILE C 2 -30.68 18.63 19.95
C ILE C 2 -29.30 18.05 20.23
N VAL C 3 -29.04 17.75 21.49
CA VAL C 3 -27.71 17.34 21.96
C VAL C 3 -27.65 15.83 22.08
N LEU C 4 -26.59 15.24 21.53
CA LEU C 4 -26.37 13.80 21.47
C LEU C 4 -25.25 13.40 22.43
N THR C 5 -25.42 12.24 23.08
CA THR C 5 -24.47 11.76 24.10
C THR C 5 -24.03 10.35 23.74
N GLN C 6 -22.75 10.17 23.47
CA GLN C 6 -22.19 8.86 23.11
C GLN C 6 -21.56 8.17 24.33
N ALA C 7 -22.43 7.76 25.25
CA ALA C 7 -22.02 6.96 26.41
C ALA C 7 -20.76 7.49 27.11
N PRO C 9 -16.79 7.32 26.31
CA PRO C 9 -15.64 6.41 26.17
C PRO C 9 -15.97 4.93 26.31
N SER C 10 -17.24 4.64 26.59
CA SER C 10 -17.71 3.27 26.77
C SER C 10 -16.80 2.44 27.70
N VAL C 11 -16.29 1.32 27.21
CA VAL C 11 -15.58 0.33 28.02
C VAL C 11 -14.66 -0.49 27.13
N PRO C 12 -13.55 -1.04 27.65
CA PRO C 12 -12.56 -1.68 26.75
C PRO C 12 -13.06 -3.03 26.26
N VAL C 13 -12.98 -3.23 24.95
CA VAL C 13 -13.50 -4.43 24.31
C VAL C 13 -12.34 -5.36 23.96
N THR C 14 -12.66 -6.65 23.82
CA THR C 14 -11.83 -7.77 23.41
C THR C 14 -12.05 -8.09 21.93
N PRO C 15 -11.01 -8.39 21.16
CA PRO C 15 -11.21 -8.71 19.75
C PRO C 15 -11.94 -10.04 19.57
N GLY C 16 -12.76 -10.10 18.53
CA GLY C 16 -13.58 -11.27 18.28
C GLY C 16 -15.00 -11.12 18.78
N GLU C 17 -15.15 -10.53 19.96
CA GLU C 17 -16.46 -10.29 20.54
C GLU C 17 -17.12 -9.10 19.85
N SER C 18 -18.35 -8.78 20.27
CA SER C 18 -19.10 -7.68 19.70
C SER C 18 -19.21 -6.56 20.72
N VAL C 19 -19.63 -5.38 20.25
CA VAL C 19 -19.80 -4.22 21.11
C VAL C 19 -20.64 -3.18 20.36
N SER C 20 -21.47 -2.44 21.10
CA SER C 20 -22.33 -1.43 20.50
C SER C 20 -22.28 -0.16 21.33
N ILE C 21 -22.38 0.98 20.64
CA ILE C 21 -22.46 2.29 21.28
C ILE C 21 -23.71 3.02 20.80
N SER C 22 -24.39 3.71 21.72
CA SER C 22 -25.62 4.44 21.45
C SER C 22 -25.43 5.95 21.48
N CYS C 23 -26.45 6.63 20.93
CA CYS C 23 -26.54 8.09 20.86
C CYS C 23 -28.02 8.46 20.97
N ARG C 24 -28.40 9.12 22.07
CA ARG C 24 -29.79 9.51 22.28
C ARG C 24 -30.01 10.99 21.94
N SER C 25 -31.00 11.26 21.08
CA SER C 25 -31.33 12.63 20.70
C SER C 25 -32.72 12.79 20.07
N SER C 26 -33.77 12.70 20.88
CA SER C 26 -35.14 12.87 20.39
C SER C 26 -35.48 11.97 19.20
N LYS C 27 -36.50 12.35 18.45
CA LYS C 27 -37.10 11.54 17.40
C LYS C 27 -36.91 12.15 16.02
N SER C 28 -37.26 11.37 15.00
CA SER C 28 -37.10 11.76 13.61
C SER C 28 -38.37 11.37 12.84
N LEU C 29 -38.43 11.82 11.60
CA LEU C 29 -39.59 11.63 10.73
C LEU C 29 -39.20 10.79 9.52
N LEU C 30 -40.22 10.44 8.71
CA LEU C 30 -40.10 9.69 7.46
C LEU C 30 -38.94 8.70 7.48
N HIS C 31 -37.94 8.93 6.63
CA HIS C 31 -36.67 8.24 6.76
C HIS C 31 -36.01 8.72 8.05
N SER C 32 -35.71 7.79 8.96
CA SER C 32 -35.12 8.18 10.24
C SER C 32 -33.75 8.83 10.05
N LEU C 38 -30.21 10.46 11.61
CA LEU C 38 -29.05 9.97 12.35
C LEU C 38 -28.00 9.41 11.41
N TYR C 39 -26.74 9.78 11.63
CA TYR C 39 -25.64 9.27 10.82
C TYR C 39 -24.53 8.80 11.75
N TRP C 40 -23.89 7.69 11.39
CA TRP C 40 -22.75 7.16 12.12
C TRP C 40 -21.50 7.29 11.27
N LEU C 41 -20.45 7.89 11.85
CA LEU C 41 -19.19 8.18 11.19
C LEU C 41 -18.05 7.57 12.00
N LEU C 42 -17.01 7.10 11.32
CA LEU C 42 -15.75 6.73 11.96
C LEU C 42 -14.65 7.67 11.53
N GLN C 43 -13.85 8.14 12.48
CA GLN C 43 -12.61 8.87 12.21
C GLN C 43 -11.45 8.06 12.77
N ARG C 44 -10.67 7.44 11.90
CA ARG C 44 -9.44 6.79 12.34
C ARG C 44 -8.43 7.84 12.79
N PRO C 45 -7.58 7.50 13.75
CA PRO C 45 -6.63 8.49 14.28
C PRO C 45 -5.77 9.11 13.18
N GLY C 46 -5.76 10.44 13.16
CA GLY C 46 -5.01 11.19 12.15
C GLY C 46 -5.48 10.96 10.74
N GLN C 47 -6.79 10.79 10.54
CA GLN C 47 -7.35 10.65 9.20
C GLN C 47 -8.67 11.40 9.15
N SER C 48 -9.11 11.68 7.91
CA SER C 48 -10.39 12.32 7.71
C SER C 48 -11.53 11.35 8.03
N PRO C 49 -12.65 11.85 8.59
CA PRO C 49 -13.80 10.97 8.87
C PRO C 49 -14.29 10.19 7.67
N GLN C 50 -15.08 9.14 7.92
CA GLN C 50 -15.69 8.35 6.87
C GLN C 50 -17.09 7.96 7.28
N LEU C 51 -17.94 7.70 6.29
CA LEU C 51 -19.33 7.38 6.56
C LEU C 51 -19.49 5.90 6.88
N LEU C 52 -20.20 5.61 7.97
CA LEU C 52 -20.54 4.24 8.32
C LEU C 52 -22.01 3.97 8.01
N ILE C 53 -22.91 4.59 8.75
CA ILE C 53 -24.35 4.36 8.61
C ILE C 53 -25.04 5.66 8.22
N TYR C 54 -25.89 5.60 7.19
CA TYR C 54 -26.73 6.73 6.86
C TYR C 54 -28.16 6.40 7.29
N ARG C 55 -28.87 7.43 7.74
CA ARG C 55 -30.22 7.26 8.31
C ARG C 55 -30.10 6.31 9.50
N MET C 56 -31.15 5.53 9.78
CA MET C 56 -31.12 4.73 11.00
C MET C 56 -30.26 3.48 10.88
N SER C 57 -30.23 2.83 9.72
CA SER C 57 -29.64 1.50 9.69
C SER C 57 -29.05 1.06 8.35
N ASN C 58 -28.79 1.96 7.41
CA ASN C 58 -28.28 1.55 6.12
C ASN C 58 -26.77 1.72 6.04
N LEU C 59 -26.14 0.83 5.28
CA LEU C 59 -24.69 0.67 5.26
C LEU C 59 -24.11 1.39 4.06
N ALA C 60 -23.12 2.25 4.31
CA ALA C 60 -22.47 2.97 3.24
C ALA C 60 -21.57 2.03 2.43
N SER C 61 -21.08 2.54 1.30
CA SER C 61 -20.16 1.80 0.46
C SER C 61 -18.95 1.35 1.27
N GLY C 62 -18.64 0.05 1.19
CA GLY C 62 -17.43 -0.49 1.77
C GLY C 62 -17.58 -0.99 3.18
N VAL C 63 -18.49 -0.41 3.95
CA VAL C 63 -18.66 -0.80 5.35
C VAL C 63 -19.03 -2.28 5.42
N PRO C 64 -18.31 -3.10 6.17
CA PRO C 64 -18.57 -4.55 6.12
C PRO C 64 -19.86 -4.90 6.83
N ASP C 65 -20.30 -6.14 6.57
CA ASP C 65 -21.58 -6.63 7.06
C ASP C 65 -21.68 -6.54 8.58
N ARG C 66 -20.60 -6.91 9.28
CA ARG C 66 -20.57 -6.94 10.74
C ARG C 66 -21.04 -5.64 11.40
N PHE C 67 -20.97 -4.51 10.69
CA PHE C 67 -21.54 -3.27 11.19
C PHE C 67 -23.06 -3.29 10.98
N SER C 68 -23.83 -3.14 12.06
CA SER C 68 -25.28 -3.08 11.99
C SER C 68 -25.78 -1.87 12.76
N GLY C 69 -26.71 -1.14 12.18
CA GLY C 69 -27.35 -0.02 12.83
C GLY C 69 -28.77 -0.35 13.25
N SER C 70 -29.22 0.29 14.34
CA SER C 70 -30.61 0.14 14.76
C SER C 70 -30.96 1.27 15.72
N GLY C 71 -32.03 1.99 15.40
CA GLY C 71 -32.45 3.13 16.21
C GLY C 71 -33.93 3.39 16.15
N SER C 72 -34.61 3.28 17.30
CA SER C 72 -36.05 3.48 17.40
C SER C 72 -36.37 4.42 18.54
N GLY C 73 -37.03 5.52 18.21
CA GLY C 73 -37.44 6.53 19.18
C GLY C 73 -36.37 7.55 19.48
N THR C 74 -35.64 7.40 20.58
CA THR C 74 -34.61 8.38 20.90
C THR C 74 -33.21 7.82 21.11
N VAL C 75 -33.05 6.50 21.23
CA VAL C 75 -31.74 5.89 21.47
C VAL C 75 -31.34 5.11 20.23
N PHE C 76 -30.35 5.61 19.51
CA PHE C 76 -29.90 4.98 18.27
C PHE C 76 -28.58 4.26 18.55
N THR C 77 -28.33 3.16 17.85
CA THR C 77 -27.22 2.28 18.25
C THR C 77 -26.46 1.75 17.05
N LEU C 78 -25.13 1.81 17.13
CA LEU C 78 -24.23 1.13 16.20
C LEU C 78 -23.62 -0.08 16.90
N ARG C 79 -23.81 -1.26 16.32
CA ARG C 79 -23.27 -2.52 16.83
C ARG C 79 -22.26 -3.09 15.86
N ILE C 80 -21.06 -3.40 16.36
CA ILE C 80 -20.03 -4.10 15.59
C ILE C 80 -19.93 -5.50 16.17
N SER C 81 -20.29 -6.50 15.37
CA SER C 81 -20.04 -7.88 15.76
C SER C 81 -18.70 -8.31 15.20
N ARG C 82 -18.08 -9.29 15.86
CA ARG C 82 -16.75 -9.78 15.49
C ARG C 82 -15.78 -8.59 15.35
N LEU C 83 -15.63 -7.85 16.45
CA LEU C 83 -14.74 -6.70 16.49
C LEU C 83 -13.33 -7.10 16.05
N GLU C 84 -12.77 -6.32 15.14
CA GLU C 84 -11.40 -6.49 14.68
C GLU C 84 -10.48 -5.42 15.28
N ALA C 85 -9.19 -5.74 15.29
CA ALA C 85 -8.20 -4.81 15.81
C ALA C 85 -8.07 -3.55 14.95
N GLU C 86 -8.57 -3.58 13.73
CA GLU C 86 -8.51 -2.44 12.83
C GLU C 86 -9.71 -1.52 12.97
N ASP C 87 -10.55 -1.74 13.99
CA ASP C 87 -11.71 -0.91 14.25
C ASP C 87 -11.42 0.24 15.21
N VAL C 88 -10.18 0.33 15.74
CA VAL C 88 -9.80 1.45 16.58
C VAL C 88 -10.09 2.77 15.86
N GLY C 89 -10.60 3.73 16.62
CA GLY C 89 -10.91 5.03 16.07
C GLY C 89 -11.92 5.74 16.96
N ILE C 90 -12.44 6.85 16.44
CA ILE C 90 -13.47 7.61 17.14
C ILE C 90 -14.77 7.53 16.34
N TYR C 91 -15.83 7.11 17.01
CA TYR C 91 -17.14 6.93 16.37
C TYR C 91 -18.06 8.07 16.77
N TYR C 92 -18.42 8.91 15.80
CA TYR C 92 -19.28 10.06 16.01
C TYR C 92 -20.69 9.78 15.50
N CYS C 93 -21.68 10.31 16.20
CA CYS C 93 -23.06 10.33 15.73
C CYS C 93 -23.45 11.76 15.39
N MET C 94 -24.14 11.94 14.26
CA MET C 94 -24.61 13.25 13.83
C MET C 94 -26.09 13.17 13.46
N GLN C 95 -26.68 14.34 13.20
CA GLN C 95 -28.09 14.45 12.86
C GLN C 95 -28.29 15.42 11.71
N HIS C 96 -29.21 15.06 10.81
CA HIS C 96 -29.53 15.87 9.64
C HIS C 96 -30.99 16.30 9.58
N LEU C 97 -31.63 16.59 10.72
CA LEU C 97 -33.04 16.94 10.70
C LEU C 97 -33.21 18.43 10.88
N GLU C 98 -33.26 18.94 12.11
CA GLU C 98 -33.41 20.37 12.37
C GLU C 98 -32.15 21.14 11.95
N TYR C 99 -32.35 22.42 11.65
CA TYR C 99 -31.35 23.24 10.96
C TYR C 99 -29.94 23.19 11.54
N PRO C 100 -29.73 23.34 12.86
CA PRO C 100 -28.37 23.16 13.41
C PRO C 100 -27.96 21.70 13.53
N PHE C 101 -27.10 21.26 12.60
CA PHE C 101 -26.60 19.89 12.58
C PHE C 101 -25.52 19.72 13.65
N THR C 102 -25.72 18.79 14.57
CA THR C 102 -24.82 18.62 15.71
C THR C 102 -24.26 17.20 15.75
N PHE C 103 -22.96 17.09 16.01
CA PHE C 103 -22.32 15.82 16.29
C PHE C 103 -22.40 15.49 17.78
N GLY C 104 -21.93 14.30 18.15
CA GLY C 104 -21.87 13.87 19.53
C GLY C 104 -20.49 14.04 20.15
N GLY C 105 -20.39 13.60 21.40
CA GLY C 105 -19.16 13.66 22.16
C GLY C 105 -18.09 12.68 21.71
N GLY C 106 -18.29 12.08 20.54
CA GLY C 106 -17.41 11.06 20.03
C GLY C 106 -17.39 9.79 20.85
N THR C 107 -16.70 8.76 20.36
CA THR C 107 -16.55 7.51 21.10
C THR C 107 -15.16 6.95 20.85
N LYS C 108 -14.41 6.70 21.92
CA LYS C 108 -13.08 6.12 21.81
C LYS C 108 -13.22 4.61 21.96
N LEU C 109 -12.95 3.87 20.89
CA LEU C 109 -12.98 2.42 20.91
C LEU C 109 -11.55 1.95 21.16
N GLU C 110 -11.29 1.39 22.33
CA GLU C 110 -10.00 0.81 22.66
C GLU C 110 -10.18 -0.70 22.80
N ILE C 111 -9.38 -1.46 22.05
CA ILE C 111 -9.50 -2.91 22.03
C ILE C 111 -8.48 -3.50 22.99
N LYS C 112 -8.88 -4.54 23.71
CA LYS C 112 -8.04 -5.21 24.68
C LYS C 112 -7.13 -6.23 23.99
N ARG C 113 -6.00 -6.51 24.61
CA ARG C 113 -5.06 -7.51 24.11
C ARG C 113 -4.21 -7.99 25.26
N THR C 114 -3.40 -9.02 24.98
CA THR C 114 -2.53 -9.58 26.01
C THR C 114 -1.49 -8.54 26.44
N VAL C 115 -1.31 -8.41 27.75
CA VAL C 115 -0.31 -7.52 28.32
C VAL C 115 1.02 -7.71 27.61
N ALA C 116 1.59 -6.58 27.16
CA ALA C 116 2.85 -6.58 26.41
C ALA C 116 3.82 -5.61 27.07
N ALA C 117 4.97 -6.12 27.49
CA ALA C 117 6.00 -5.28 28.08
C ALA C 117 6.63 -4.38 27.01
N PRO C 118 6.93 -3.12 27.34
CA PRO C 118 7.54 -2.23 26.35
C PRO C 118 8.99 -2.60 26.08
N SER C 119 9.40 -2.47 24.82
CA SER C 119 10.81 -2.55 24.46
C SER C 119 11.42 -1.18 24.54
N VAL C 120 12.51 -1.04 25.30
CA VAL C 120 13.06 0.26 25.65
C VAL C 120 14.35 0.49 24.88
N PHE C 121 14.49 1.69 24.34
CA PHE C 121 15.68 2.09 23.60
C PHE C 121 16.07 3.51 24.00
N ILE C 122 17.37 3.78 24.08
CA ILE C 122 17.85 5.13 24.34
C ILE C 122 18.79 5.55 23.21
N PHE C 123 18.64 6.79 22.75
CA PHE C 123 19.43 7.37 21.68
C PHE C 123 20.15 8.61 22.18
N PRO C 124 21.49 8.62 22.12
CA PRO C 124 22.25 9.83 22.46
C PRO C 124 22.15 10.86 21.35
N PRO C 125 22.67 12.08 21.56
CA PRO C 125 22.60 13.10 20.51
C PRO C 125 23.50 12.78 19.32
N SER C 126 22.97 13.05 18.13
CA SER C 126 23.77 13.03 16.91
C SER C 126 24.93 14.01 16.99
N ASP C 127 26.04 13.66 16.32
CA ASP C 127 27.16 14.58 16.19
C ASP C 127 26.74 15.85 15.47
N GLU C 128 25.92 15.73 14.42
CA GLU C 128 25.45 16.90 13.69
C GLU C 128 24.75 17.89 14.62
N GLN C 129 23.84 17.38 15.47
CA GLN C 129 23.13 18.27 16.37
C GLN C 129 24.08 18.93 17.36
N LEU C 130 25.09 18.18 17.82
CA LEU C 130 26.02 18.75 18.79
C LEU C 130 26.86 19.86 18.15
N LYS C 131 27.11 19.76 16.84
CA LYS C 131 27.72 20.88 16.13
C LYS C 131 26.94 22.18 16.34
N SER C 132 25.61 22.11 16.27
CA SER C 132 24.77 23.29 16.41
C SER C 132 24.60 23.76 17.85
N GLY C 133 25.24 23.12 18.83
CA GLY C 133 25.14 23.57 20.20
C GLY C 133 24.12 22.89 21.08
N THR C 134 23.31 21.99 20.55
CA THR C 134 22.21 21.42 21.29
C THR C 134 22.38 19.89 21.37
N ALA C 135 21.85 19.30 22.44
CA ALA C 135 21.91 17.86 22.65
C ALA C 135 20.51 17.36 22.99
N SER C 136 19.94 16.53 22.12
CA SER C 136 18.66 15.89 22.34
C SER C 136 18.89 14.40 22.60
N VAL C 137 18.30 13.89 23.67
CA VAL C 137 18.41 12.48 24.04
C VAL C 137 17.02 11.88 24.00
N VAL C 138 16.85 10.82 23.23
CA VAL C 138 15.54 10.23 22.98
C VAL C 138 15.40 8.92 23.73
N CYS C 139 14.25 8.71 24.37
CA CYS C 139 13.90 7.42 24.96
C CYS C 139 12.64 6.89 24.30
N LEU C 140 12.70 5.65 23.84
CA LEU C 140 11.62 4.98 23.13
C LEU C 140 11.09 3.84 23.98
N LEU C 141 9.76 3.80 24.15
CA LEU C 141 9.05 2.70 24.79
C LEU C 141 8.12 2.13 23.71
N ASN C 142 8.50 1.00 23.13
CA ASN C 142 7.84 0.48 21.94
C ASN C 142 6.87 -0.65 22.29
N ASN C 143 5.65 -0.54 21.76
CA ASN C 143 4.70 -1.63 21.61
C ASN C 143 4.36 -2.29 22.96
N PHE C 144 3.72 -1.49 23.81
CA PHE C 144 3.27 -1.96 25.11
C PHE C 144 1.75 -1.86 25.21
N TYR C 145 1.19 -2.62 26.15
CA TYR C 145 -0.22 -2.58 26.47
C TYR C 145 -0.37 -3.03 27.91
N PRO C 146 -1.11 -2.28 28.75
CA PRO C 146 -1.94 -1.16 28.30
C PRO C 146 -1.18 0.16 28.20
N ARG C 147 -1.93 1.26 28.06
CA ARG C 147 -1.30 2.56 27.82
C ARG C 147 -0.51 3.02 29.03
N GLU C 148 -0.99 2.73 30.23
CA GLU C 148 -0.36 3.18 31.46
C GLU C 148 1.07 2.65 31.60
N ALA C 149 2.04 3.56 31.43
CA ALA C 149 3.46 3.24 31.60
C ALA C 149 4.12 4.42 32.29
N LYS C 150 5.26 4.17 32.92
CA LYS C 150 5.97 5.21 33.67
C LYS C 150 7.44 5.20 33.28
N TYR C 151 8.03 6.39 33.12
CA TYR C 151 9.44 6.47 32.78
C TYR C 151 10.07 7.64 33.52
N GLN C 152 11.37 7.52 33.77
CA GLN C 152 12.12 8.53 34.51
C GLN C 152 13.47 8.73 33.84
N TRP C 153 13.80 9.98 33.52
CA TRP C 153 15.15 10.33 33.13
C TRP C 153 16.06 10.44 34.35
N LYS C 154 17.31 10.01 34.18
CA LYS C 154 18.28 10.00 35.27
C LYS C 154 19.63 10.38 34.69
N VAL C 155 20.10 11.57 35.03
CA VAL C 155 21.40 12.07 34.64
C VAL C 155 22.30 12.03 35.85
N ASP C 156 23.38 11.25 35.76
CA ASP C 156 24.29 11.00 36.88
C ASP C 156 23.53 10.62 38.14
N ASN C 157 22.52 9.78 37.96
CA ASN C 157 21.70 9.14 38.99
C ASN C 157 20.72 10.12 39.61
N ALA C 158 20.64 11.35 39.09
CA ALA C 158 19.71 12.37 39.57
C ALA C 158 18.52 12.44 38.61
N LEU C 159 17.31 12.48 39.17
CA LEU C 159 16.11 12.61 38.34
C LEU C 159 16.14 13.86 37.48
N GLN C 160 15.59 13.76 36.28
CA GLN C 160 15.31 14.93 35.44
C GLN C 160 13.86 14.96 35.01
N SER C 161 13.30 16.15 34.98
CA SER C 161 11.99 16.42 34.41
C SER C 161 11.89 17.91 34.12
N GLY C 162 10.79 18.31 33.46
CA GLY C 162 10.59 19.69 33.07
C GLY C 162 11.31 20.06 31.80
N ASN C 163 12.50 19.49 31.61
CA ASN C 163 13.27 19.69 30.39
C ASN C 163 13.06 18.52 29.43
N SER C 164 12.08 17.67 29.72
CA SER C 164 11.73 16.52 28.90
C SER C 164 10.31 16.72 28.35
N GLN C 165 10.04 16.08 27.21
CA GLN C 165 8.75 16.21 26.56
C GLN C 165 8.37 14.89 25.91
N GLU C 166 7.11 14.48 26.06
CA GLU C 166 6.69 13.16 25.62
C GLU C 166 5.56 13.22 24.61
N SER C 167 5.57 12.27 23.68
CA SER C 167 4.44 12.01 22.81
C SER C 167 4.11 10.52 22.84
N VAL C 168 2.84 10.20 22.57
CA VAL C 168 2.34 8.83 22.62
C VAL C 168 1.58 8.55 21.34
N THR C 169 1.86 7.41 20.71
CA THR C 169 1.10 7.01 19.53
C THR C 169 -0.30 6.54 19.93
N GLU C 170 -1.17 6.48 18.93
CA GLU C 170 -2.48 5.86 19.11
C GLU C 170 -2.36 4.34 19.05
N GLN C 171 -3.40 3.66 19.48
CA GLN C 171 -3.45 2.20 19.43
C GLN C 171 -3.26 1.71 18.00
N ASP C 172 -2.32 0.80 17.82
CA ASP C 172 -1.96 0.30 16.50
C ASP C 172 -3.13 -0.43 15.85
N SER C 173 -3.23 -0.29 14.52
CA SER C 173 -4.27 -0.99 13.77
C SER C 173 -4.01 -2.49 13.70
N LYS C 174 -2.76 -2.91 13.81
CA LYS C 174 -2.37 -4.31 13.61
C LYS C 174 -2.23 -5.08 14.92
N ASP C 175 -1.41 -4.59 15.84
CA ASP C 175 -1.20 -5.28 17.12
C ASP C 175 -1.79 -4.53 18.30
N SER C 176 -2.44 -3.39 18.07
CA SER C 176 -3.20 -2.68 19.10
C SER C 176 -2.38 -2.40 20.35
N THR C 177 -1.11 -2.06 20.15
CA THR C 177 -0.23 -1.62 21.24
C THR C 177 0.02 -0.13 21.14
N TYR C 178 0.54 0.44 22.22
CA TYR C 178 0.92 1.84 22.30
C TYR C 178 2.44 1.97 22.29
N SER C 179 2.92 3.10 21.76
CA SER C 179 4.33 3.47 21.83
C SER C 179 4.45 4.88 22.38
N LEU C 180 5.63 5.18 22.92
CA LEU C 180 5.86 6.45 23.61
C LEU C 180 7.29 6.90 23.37
N SER C 181 7.49 8.20 23.14
CA SER C 181 8.82 8.76 23.04
C SER C 181 8.95 9.96 23.96
N SER C 182 10.10 10.06 24.63
CA SER C 182 10.43 11.23 25.45
C SER C 182 11.76 11.82 25.00
N THR C 183 11.80 13.13 24.85
CA THR C 183 13.00 13.85 24.42
C THR C 183 13.48 14.75 25.55
N LEU C 184 14.78 14.67 25.85
CA LEU C 184 15.44 15.49 26.85
C LEU C 184 16.44 16.38 26.13
N THR C 185 16.19 17.69 26.14
CA THR C 185 16.98 18.64 25.36
C THR C 185 17.78 19.54 26.30
N LEU C 186 19.09 19.61 26.06
CA LEU C 186 19.99 20.44 26.83
C LEU C 186 20.89 21.23 25.88
N SER C 187 21.43 22.34 26.37
CA SER C 187 22.55 22.96 25.66
C SER C 187 23.72 21.99 25.65
N LYS C 188 24.54 22.09 24.60
CA LYS C 188 25.72 21.24 24.50
C LYS C 188 26.57 21.28 25.77
N ALA C 189 26.81 22.49 26.30
CA ALA C 189 27.61 22.63 27.51
C ALA C 189 27.01 21.84 28.67
N ASP C 190 25.72 22.04 28.93
CA ASP C 190 25.05 21.32 30.00
C ASP C 190 25.14 19.81 29.79
N TYR C 191 24.99 19.37 28.54
CA TYR C 191 25.12 17.95 28.23
C TYR C 191 26.52 17.43 28.58
N GLU C 192 27.55 18.21 28.22
CA GLU C 192 28.92 17.82 28.52
C GLU C 192 29.25 17.93 29.99
N LYS C 193 28.36 18.54 30.78
CA LYS C 193 28.58 18.64 32.22
C LYS C 193 28.22 17.35 32.96
N HIS C 194 27.83 16.28 32.25
CA HIS C 194 27.39 15.05 32.88
C HIS C 194 27.93 13.85 32.12
N LYS C 195 27.85 12.68 32.77
CA LYS C 195 28.36 11.43 32.20
C LYS C 195 27.23 10.48 31.83
N VAL C 196 26.56 9.88 32.82
CA VAL C 196 25.62 8.79 32.59
C VAL C 196 24.24 9.37 32.31
N TYR C 197 23.71 9.09 31.12
CA TYR C 197 22.32 9.40 30.82
C TYR C 197 21.50 8.11 30.77
N ALA C 198 20.36 8.09 31.46
CA ALA C 198 19.62 6.86 31.65
C ALA C 198 18.12 7.10 31.57
N CYS C 199 17.43 6.12 30.98
CA CYS C 199 15.98 6.08 30.91
C CYS C 199 15.51 4.84 31.67
N GLU C 200 14.60 5.04 32.62
CA GLU C 200 14.17 3.99 33.54
C GLU C 200 12.67 3.80 33.41
N VAL C 201 12.23 2.62 33.00
CA VAL C 201 10.86 2.35 32.60
C VAL C 201 10.23 1.32 33.53
N THR C 202 8.96 1.55 33.83
CA THR C 202 8.13 0.70 34.67
C THR C 202 6.80 0.46 33.97
N HIS C 203 6.42 -0.81 33.86
CA HIS C 203 5.18 -1.20 33.21
C HIS C 203 4.59 -2.42 33.88
N GLN C 204 3.26 -2.54 33.79
CA GLN C 204 2.56 -3.68 34.37
C GLN C 204 3.11 -5.01 33.88
N GLY C 205 3.58 -5.06 32.63
CA GLY C 205 4.16 -6.26 32.07
C GLY C 205 5.61 -6.54 32.42
N LEU C 206 6.25 -5.71 33.25
CA LEU C 206 7.63 -5.90 33.65
C LEU C 206 7.70 -6.27 35.12
N SER C 207 8.55 -7.25 35.44
CA SER C 207 8.77 -7.65 36.83
C SER C 207 9.50 -6.56 37.61
N SER C 208 10.72 -6.25 37.20
CA SER C 208 11.51 -5.16 37.75
C SER C 208 11.62 -4.02 36.73
N PRO C 209 12.00 -2.82 37.17
CA PRO C 209 12.19 -1.71 36.22
C PRO C 209 13.30 -1.99 35.23
N VAL C 210 13.06 -1.62 33.97
CA VAL C 210 14.05 -1.74 32.92
C VAL C 210 14.82 -0.43 32.84
N THR C 211 16.14 -0.51 32.65
CA THR C 211 16.96 0.69 32.53
C THR C 211 17.86 0.59 31.32
N LYS C 212 17.68 1.50 30.37
CA LYS C 212 18.63 1.68 29.28
C LYS C 212 19.45 2.94 29.53
N SER C 213 20.74 2.89 29.21
CA SER C 213 21.56 4.04 29.52
C SER C 213 22.77 4.07 28.60
N PHE C 214 23.40 5.24 28.53
CA PHE C 214 24.68 5.38 27.86
C PHE C 214 25.58 6.32 28.65
N ASN C 215 26.82 6.40 28.19
CA ASN C 215 27.86 7.22 28.82
C ASN C 215 28.40 8.14 27.74
N ARG C 216 28.37 9.44 28.02
CA ARG C 216 28.75 10.46 27.05
C ARG C 216 30.14 10.19 26.47
N GLY C 217 30.20 9.81 25.20
CA GLY C 217 31.47 9.49 24.56
C GLY C 217 31.77 8.00 24.53
N GLU C 218 30.96 7.24 23.81
CA GLU C 218 31.13 5.79 23.69
C GLU C 218 30.42 5.33 22.43
N CYS C 219 30.52 4.03 22.16
CA CYS C 219 29.85 3.41 21.02
C CYS C 219 28.76 2.47 21.48
N GLU D 1 -9.72 6.15 -10.55
CA GLU D 1 -9.73 6.29 -9.10
C GLU D 1 -10.46 7.56 -8.68
N VAL D 2 -11.07 7.54 -7.50
CA VAL D 2 -11.82 8.70 -6.99
C VAL D 2 -11.03 9.32 -5.85
N GLN D 3 -10.95 10.66 -5.86
CA GLN D 3 -10.15 11.39 -4.89
C GLN D 3 -10.49 12.88 -4.84
N LEU D 4 -10.63 13.42 -3.63
CA LEU D 4 -11.09 14.78 -3.42
C LEU D 4 -10.09 15.43 -2.47
N LEU D 5 -9.40 16.46 -2.94
CA LEU D 5 -8.30 17.05 -2.19
C LEU D 5 -8.54 18.53 -1.90
N GLN D 6 -7.82 19.02 -0.91
CA GLN D 6 -7.93 20.38 -0.42
C GLN D 6 -6.55 21.02 -0.42
N SER D 7 -6.53 22.34 -0.21
CA SER D 7 -5.31 23.14 -0.39
C SER D 7 -4.42 23.09 0.85
N GLY D 8 -3.32 22.34 0.75
CA GLY D 8 -2.31 22.18 1.79
C GLY D 8 -2.63 22.61 3.21
N ALA D 9 -1.67 23.26 3.85
CA ALA D 9 -1.87 23.87 5.15
C ALA D 9 -1.80 25.39 5.00
N GLU D 10 -2.40 26.09 5.95
CA GLU D 10 -2.43 27.54 5.96
C GLU D 10 -1.82 28.08 7.24
N LEU D 11 -0.99 29.12 7.10
CA LEU D 11 -0.49 29.87 8.23
C LEU D 11 -0.86 31.33 8.03
N VAL D 12 -1.70 31.85 8.92
CA VAL D 12 -2.19 33.22 8.81
C VAL D 12 -2.22 33.85 10.19
N ARG D 13 -2.13 35.17 10.21
CA ARG D 13 -2.04 35.94 11.45
C ARG D 13 -3.40 36.24 12.05
N SER D 14 -3.38 36.51 13.35
CA SER D 14 -4.58 36.88 14.09
C SER D 14 -5.26 38.06 13.40
N GLY D 15 -6.36 37.78 12.72
CA GLY D 15 -7.04 38.76 11.90
C GLY D 15 -7.02 38.30 10.47
N ALA D 16 -7.21 39.23 9.52
CA ALA D 16 -7.16 38.92 8.09
C ALA D 16 -8.14 37.82 7.69
N SER D 17 -7.88 37.16 6.57
CA SER D 17 -8.82 36.21 6.01
C SER D 17 -8.06 35.20 5.14
N VAL D 18 -8.61 33.98 5.05
CA VAL D 18 -8.02 32.90 4.28
C VAL D 18 -9.11 32.23 3.45
N LYS D 19 -8.70 31.65 2.31
CA LYS D 19 -9.59 30.92 1.41
C LYS D 19 -9.07 29.51 1.15
N LEU D 20 -9.87 28.51 1.49
CA LEU D 20 -9.54 27.10 1.30
C LEU D 20 -10.31 26.55 0.10
N SER D 21 -9.60 25.87 -0.80
CA SER D 21 -10.23 25.21 -1.94
C SER D 21 -10.45 23.72 -1.64
N CYS D 22 -11.27 23.09 -2.49
CA CYS D 22 -11.56 21.66 -2.33
C CYS D 22 -12.02 21.14 -3.69
N THR D 23 -11.10 20.52 -4.43
CA THR D 23 -11.39 20.04 -5.77
C THR D 23 -11.67 18.53 -5.75
N ALA D 24 -12.47 18.08 -6.72
CA ALA D 24 -12.96 16.71 -6.80
C ALA D 24 -12.57 16.07 -8.13
N SER D 25 -11.91 14.92 -8.06
CA SER D 25 -11.53 14.14 -9.22
C SER D 25 -12.19 12.78 -9.13
N GLY D 26 -12.94 12.37 -10.17
CA GLY D 26 -13.54 11.05 -10.24
C GLY D 26 -15.04 11.09 -10.46
N PHE D 27 -15.71 12.15 -10.04
CA PHE D 27 -17.16 12.13 -9.98
C PHE D 27 -17.73 13.52 -10.27
N ASN D 28 -19.06 13.59 -10.23
CA ASN D 28 -19.77 14.84 -10.44
C ASN D 28 -19.62 15.76 -9.22
N ILE D 29 -20.32 16.90 -9.30
CA ILE D 29 -20.49 17.81 -8.17
C ILE D 29 -21.99 17.90 -7.92
N GLU D 30 -22.68 16.78 -8.11
CA GLU D 30 -24.10 16.67 -7.82
C GLU D 30 -24.39 16.54 -6.33
N ASP D 31 -23.67 17.29 -5.51
CA ASP D 31 -23.81 17.24 -4.05
C ASP D 31 -23.63 15.82 -3.52
N MET D 34 -22.49 20.41 -0.81
CA MET D 34 -21.68 19.58 0.05
C MET D 34 -21.53 20.21 1.44
N HIS D 35 -20.70 19.62 2.30
CA HIS D 35 -20.57 20.09 3.68
C HIS D 35 -19.11 20.38 4.02
N TRP D 36 -18.94 21.31 4.96
CA TRP D 36 -17.65 21.60 5.59
C TRP D 36 -17.77 21.37 7.09
N MET D 37 -16.66 20.97 7.70
CA MET D 37 -16.60 20.74 9.13
C MET D 37 -15.25 21.21 9.69
N LYS D 38 -15.24 21.51 10.98
CA LYS D 38 -14.07 22.05 11.65
C LYS D 38 -13.74 21.22 12.88
N GLN D 39 -12.47 20.85 13.01
CA GLN D 39 -11.97 20.07 14.15
C GLN D 39 -10.80 20.82 14.78
N ARG D 40 -11.03 21.47 15.92
CA ARG D 40 -9.92 21.99 16.70
C ARG D 40 -9.06 20.83 17.20
N PRO D 41 -7.73 20.98 17.21
CA PRO D 41 -6.86 19.83 17.50
C PRO D 41 -7.21 19.16 18.81
N GLU D 42 -7.19 17.82 18.78
CA GLU D 42 -7.50 16.98 19.95
C GLU D 42 -8.86 17.31 20.54
N GLN D 43 -9.85 17.50 19.66
CA GLN D 43 -11.19 17.86 20.08
C GLN D 43 -12.18 17.24 19.10
N GLY D 44 -13.47 17.35 19.43
CA GLY D 44 -14.51 16.80 18.60
C GLY D 44 -14.73 17.58 17.32
N LEU D 45 -15.55 16.98 16.44
CA LEU D 45 -15.93 17.60 15.18
C LEU D 45 -17.00 18.67 15.39
N GLU D 46 -17.04 19.64 14.48
CA GLU D 46 -18.04 20.69 14.49
C GLU D 46 -18.55 20.91 13.07
N TRP D 47 -19.83 21.28 12.96
CA TRP D 47 -20.50 21.40 11.67
C TRP D 47 -20.46 22.82 11.13
N ILE D 48 -19.90 22.98 9.93
CA ILE D 48 -20.06 24.18 9.12
C ILE D 48 -21.27 23.93 8.22
N GLY D 49 -21.76 24.97 7.56
CA GLY D 49 -23.00 24.93 6.80
C GLY D 49 -23.13 23.94 5.64
N TRP D 50 -24.16 24.14 4.83
CA TRP D 50 -24.53 23.26 3.73
C TRP D 50 -24.53 24.10 2.45
N ILE D 51 -24.00 23.55 1.36
CA ILE D 51 -23.93 24.31 0.11
C ILE D 51 -24.53 23.48 -1.02
N ASP D 52 -25.57 24.03 -1.66
CA ASP D 52 -26.13 23.45 -2.87
C ASP D 52 -25.46 24.13 -4.05
N PRO D 53 -24.57 23.45 -4.79
CA PRO D 53 -23.77 24.14 -5.81
C PRO D 53 -24.55 25.02 -6.78
N VAL D 54 -25.71 24.58 -7.26
CA VAL D 54 -26.32 25.22 -8.42
C VAL D 54 -27.16 26.44 -8.04
N ASN D 55 -28.05 26.33 -7.05
CA ASN D 55 -28.92 27.47 -6.75
C ASN D 55 -28.85 27.93 -5.29
N GLY D 56 -29.49 27.18 -4.41
CA GLY D 56 -29.62 27.53 -3.00
C GLY D 56 -28.37 27.49 -2.14
N ASP D 57 -27.60 28.57 -2.14
CA ASP D 57 -26.39 28.66 -1.32
C ASP D 57 -26.80 29.31 0.00
N THR D 58 -27.00 28.48 1.03
CA THR D 58 -27.78 28.93 2.18
C THR D 58 -27.09 28.80 3.55
N GLU D 59 -27.22 27.64 4.17
CA GLU D 59 -27.17 27.57 5.63
C GLU D 59 -25.77 27.62 6.22
N TYR D 60 -25.70 28.18 7.41
CA TYR D 60 -24.52 28.25 8.25
C TYR D 60 -24.94 27.99 9.69
N ALA D 61 -23.97 27.69 10.53
CA ALA D 61 -24.20 27.41 11.95
C ALA D 61 -24.56 28.71 12.67
N PRO D 62 -24.65 28.76 14.01
CA PRO D 62 -24.79 30.06 14.68
C PRO D 62 -23.73 31.06 14.24
N LYS D 63 -22.56 30.57 13.83
CA LYS D 63 -21.44 31.43 13.47
C LYS D 63 -21.52 31.71 11.98
N PHE D 64 -22.16 32.84 11.63
CA PHE D 64 -22.17 33.27 10.24
C PHE D 64 -21.22 34.44 10.00
N GLN D 65 -20.65 35.01 11.07
CA GLN D 65 -19.59 36.00 10.92
C GLN D 65 -18.42 35.43 10.14
N GLY D 66 -17.76 34.42 10.70
CA GLY D 66 -16.70 33.74 10.00
C GLY D 66 -17.22 32.72 9.00
N LYS D 67 -16.45 32.52 7.93
CA LYS D 67 -16.79 31.57 6.87
C LYS D 67 -18.15 31.87 6.26
N ALA D 68 -18.38 33.14 5.93
CA ALA D 68 -19.66 33.54 5.35
C ALA D 68 -19.65 33.37 3.85
N THR D 69 -18.95 32.35 3.37
CA THR D 69 -18.81 32.10 1.94
C THR D 69 -18.63 30.61 1.71
N MET D 70 -19.60 29.97 1.08
CA MET D 70 -19.41 28.64 0.51
C MET D 70 -19.92 28.76 -0.92
N THR D 71 -19.10 28.35 -1.89
CA THR D 71 -19.44 28.46 -3.31
C THR D 71 -18.91 27.24 -4.05
N THR D 74 -19.60 25.54 -9.94
CA THR D 74 -20.14 24.19 -10.09
C THR D 74 -19.62 23.53 -11.34
N SER D 75 -19.02 24.33 -12.22
CA SER D 75 -18.36 23.83 -13.42
C SER D 75 -16.86 23.74 -13.27
N SER D 76 -16.26 24.57 -12.40
CA SER D 76 -14.90 24.33 -11.94
C SER D 76 -14.80 23.05 -11.12
N ASN D 77 -15.94 22.45 -10.77
CA ASN D 77 -16.06 21.22 -9.98
C ASN D 77 -15.26 21.28 -8.67
N THR D 78 -15.25 22.46 -8.06
CA THR D 78 -14.56 22.68 -6.79
C THR D 78 -15.47 23.45 -5.83
N ALA D 79 -15.13 23.36 -4.54
CA ALA D 79 -15.79 24.12 -3.49
C ALA D 79 -14.79 25.06 -2.83
N TYR D 80 -15.31 26.12 -2.21
CA TYR D 80 -14.47 27.15 -1.62
C TYR D 80 -15.05 27.57 -0.27
N LEU D 81 -14.18 27.70 0.72
CA LEU D 81 -14.55 28.22 2.03
C LEU D 81 -13.61 29.36 2.39
N HIS D 82 -14.12 30.58 2.45
CA HIS D 82 -13.34 31.75 2.82
C HIS D 82 -13.70 32.16 4.24
N LEU D 83 -12.69 32.19 5.11
CA LEU D 83 -12.83 32.63 6.50
C LEU D 83 -12.34 34.06 6.64
N ASN D 84 -12.80 34.72 7.70
CA ASN D 84 -12.37 36.08 7.99
C ASN D 84 -12.29 36.29 9.50
N SER D 85 -11.52 37.30 9.89
CA SER D 85 -11.41 37.73 11.28
C SER D 85 -10.90 36.60 12.18
N LEU D 86 -9.79 35.99 11.75
CA LEU D 86 -9.30 34.77 12.36
C LEU D 86 -8.64 35.05 13.70
N THR D 87 -9.09 34.35 14.73
CA THR D 87 -8.44 34.32 16.04
C THR D 87 -7.80 32.96 16.26
N SER D 88 -7.13 32.80 17.41
CA SER D 88 -6.53 31.52 17.76
C SER D 88 -7.56 30.41 17.89
N GLU D 89 -8.82 30.75 18.17
CA GLU D 89 -9.89 29.76 18.24
C GLU D 89 -10.31 29.24 16.87
N ASP D 90 -9.70 29.74 15.79
CA ASP D 90 -9.93 29.22 14.45
C ASP D 90 -8.80 28.32 13.97
N THR D 91 -7.73 28.16 14.75
CA THR D 91 -6.67 27.22 14.44
C THR D 91 -7.24 25.80 14.50
N ALA D 92 -7.46 25.18 13.35
CA ALA D 92 -8.17 23.90 13.32
C ALA D 92 -8.02 23.27 11.95
N VAL D 93 -8.42 22.01 11.85
CA VAL D 93 -8.48 21.30 10.59
C VAL D 93 -9.87 21.49 10.00
N TYR D 94 -9.94 21.70 8.69
CA TYR D 94 -11.20 21.94 8.00
C TYR D 94 -11.36 20.88 6.92
N TYR D 95 -12.47 20.15 6.98
CA TYR D 95 -12.79 19.05 6.08
C TYR D 95 -13.92 19.45 5.15
N CYS D 96 -13.82 19.05 3.89
CA CYS D 96 -14.90 19.13 2.92
C CYS D 96 -15.34 17.74 2.52
N ASN D 97 -16.64 17.45 2.63
CA ASN D 97 -17.17 16.18 2.18
C ASN D 97 -18.34 16.41 1.23
N PHE D 98 -18.42 15.59 0.19
CA PHE D 98 -19.43 15.71 -0.86
C PHE D 98 -20.26 14.43 -0.84
N TYR D 99 -21.19 14.37 0.09
CA TYR D 99 -22.07 13.21 0.26
C TYR D 99 -23.24 13.29 -0.71
N ASP D 100 -23.51 12.19 -1.42
CA ASP D 100 -24.58 12.14 -2.40
C ASP D 100 -25.87 11.59 -1.83
N GLY D 101 -26.01 11.60 -0.51
CA GLY D 101 -27.22 11.17 0.17
C GLY D 101 -27.42 9.66 0.20
N TYR D 102 -26.75 8.93 -0.69
CA TYR D 102 -26.93 7.48 -0.82
C TYR D 102 -25.59 6.75 -0.90
N LEU D 103 -25.10 6.28 0.25
CA LEU D 103 -23.92 5.42 0.37
C LEU D 103 -22.73 5.83 -0.50
N PHE D 104 -22.49 7.13 -0.64
CA PHE D 104 -21.33 7.60 -1.40
C PHE D 104 -20.79 8.92 -0.82
N ALA D 105 -20.50 8.93 0.47
CA ALA D 105 -19.87 10.09 1.08
C ALA D 105 -18.38 10.07 0.80
N PHE D 106 -17.87 11.13 0.19
CA PHE D 106 -16.45 11.30 -0.03
C PHE D 106 -15.93 12.40 0.89
N TRP D 107 -14.65 12.33 1.25
CA TRP D 107 -14.07 13.32 2.14
C TRP D 107 -12.68 13.69 1.67
N GLY D 108 -12.32 14.97 1.87
CA GLY D 108 -10.97 15.42 1.63
C GLY D 108 -10.07 15.12 2.80
N GLN D 109 -8.76 15.20 2.56
CA GLN D 109 -7.81 14.89 3.61
C GLN D 109 -7.75 15.96 4.69
N GLY D 110 -8.45 17.07 4.52
CA GLY D 110 -8.46 18.14 5.50
C GLY D 110 -7.36 19.16 5.27
N THR D 111 -7.58 20.35 5.82
CA THR D 111 -6.60 21.43 5.74
C THR D 111 -6.43 22.04 7.12
N LEU D 112 -5.20 21.97 7.63
CA LEU D 112 -4.89 22.56 8.92
C LEU D 112 -4.63 24.05 8.75
N VAL D 113 -5.30 24.87 9.54
CA VAL D 113 -5.19 26.32 9.49
C VAL D 113 -4.66 26.78 10.84
N THR D 114 -3.41 27.23 10.86
CA THR D 114 -2.75 27.77 12.04
C THR D 114 -2.85 29.29 12.01
N VAL D 115 -3.31 29.85 13.12
CA VAL D 115 -3.45 31.30 13.27
C VAL D 115 -2.40 31.73 14.29
N SER D 116 -1.31 32.32 13.81
CA SER D 116 -0.21 32.72 14.69
C SER D 116 0.62 33.77 13.99
N ALA D 117 1.32 34.58 14.80
CA ALA D 117 2.29 35.53 14.28
C ALA D 117 3.62 34.88 13.90
N ALA D 118 3.89 33.67 14.38
CA ALA D 118 5.20 33.06 14.20
C ALA D 118 5.52 32.81 12.73
N SER D 119 6.81 32.89 12.41
CA SER D 119 7.31 32.67 11.06
C SER D 119 7.50 31.18 10.78
N THR D 120 7.41 30.81 9.51
CA THR D 120 7.70 29.44 9.11
C THR D 120 9.19 29.15 9.26
N LYS D 121 9.52 28.02 9.88
CA LYS D 121 10.89 27.54 10.00
C LYS D 121 10.96 26.10 9.50
N GLY D 122 11.90 25.84 8.59
CA GLY D 122 12.19 24.50 8.16
C GLY D 122 12.72 23.65 9.29
N PRO D 123 12.50 22.34 9.22
CA PRO D 123 12.98 21.46 10.29
C PRO D 123 14.43 21.05 10.11
N SER D 124 15.10 20.84 11.24
CA SER D 124 16.35 20.11 11.26
C SER D 124 16.06 18.62 11.44
N VAL D 125 16.81 17.78 10.74
CA VAL D 125 16.61 16.33 10.78
C VAL D 125 17.88 15.67 11.24
N PHE D 126 17.82 15.00 12.40
CA PHE D 126 18.97 14.33 12.99
C PHE D 126 18.73 12.83 13.08
N PRO D 127 19.76 12.03 12.93
CA PRO D 127 19.59 10.57 13.06
C PRO D 127 19.47 10.14 14.51
N LEU D 128 18.65 9.12 14.73
CA LEU D 128 18.59 8.36 15.97
C LEU D 128 19.22 7.01 15.64
N ALA D 129 20.55 6.95 15.80
CA ALA D 129 21.33 5.81 15.35
C ALA D 129 20.95 4.56 16.15
N PRO D 130 20.89 3.40 15.51
CA PRO D 130 20.61 2.17 16.26
C PRO D 130 21.76 1.84 17.19
N SER D 131 21.54 0.86 18.05
CA SER D 131 22.43 0.61 19.17
C SER D 131 23.26 -0.64 18.98
N SER D 132 24.47 -0.58 19.56
CA SER D 132 25.44 -1.67 19.47
C SER D 132 25.04 -2.81 20.40
N LYS D 133 24.67 -2.50 21.64
CA LYS D 133 24.14 -3.47 22.59
C LYS D 133 23.00 -4.28 21.98
N SER D 136 17.64 -4.29 22.04
CA SER D 136 17.13 -5.38 22.86
C SER D 136 18.04 -6.61 22.78
N GLY D 137 18.64 -6.80 21.61
CA GLY D 137 19.28 -8.06 21.30
C GLY D 137 18.52 -8.73 20.18
N GLY D 138 17.23 -8.98 20.41
CA GLY D 138 16.35 -9.48 19.37
C GLY D 138 16.18 -8.48 18.25
N THR D 139 15.38 -7.44 18.49
CA THR D 139 15.12 -6.40 17.51
C THR D 139 15.89 -5.13 17.88
N ALA D 140 16.10 -4.28 16.87
CA ALA D 140 16.83 -3.02 17.03
C ALA D 140 15.98 -1.87 16.52
N ALA D 141 16.04 -0.74 17.21
CA ALA D 141 15.28 0.46 16.86
C ALA D 141 16.22 1.53 16.31
N LEU D 142 15.79 2.20 15.24
CA LEU D 142 16.47 3.39 14.74
C LEU D 142 15.42 4.45 14.44
N GLY D 143 15.85 5.65 14.08
CA GLY D 143 14.85 6.68 13.87
C GLY D 143 15.40 7.99 13.36
N CYS D 144 14.50 8.96 13.26
CA CYS D 144 14.81 10.33 12.84
C CYS D 144 14.13 11.31 13.78
N LEU D 145 14.90 12.27 14.29
CA LEU D 145 14.38 13.41 15.04
C LEU D 145 14.17 14.59 14.10
N VAL D 146 12.95 15.06 13.99
CA VAL D 146 12.57 16.21 13.18
C VAL D 146 12.29 17.34 14.15
N LYS D 147 13.29 18.19 14.37
CA LYS D 147 13.30 19.20 15.42
C LYS D 147 13.15 20.61 14.85
N ASP D 148 12.46 21.47 15.60
CA ASP D 148 12.48 22.93 15.44
C ASP D 148 11.91 23.34 14.08
N TYR D 149 10.61 23.09 13.94
CA TYR D 149 9.89 23.50 12.74
C TYR D 149 8.57 24.14 13.13
N PHE D 150 8.08 25.02 12.26
CA PHE D 150 6.78 25.66 12.41
C PHE D 150 6.30 26.06 11.02
N PRO D 151 5.01 25.93 10.73
CA PRO D 151 4.02 25.27 11.58
C PRO D 151 3.90 23.79 11.26
N GLU D 152 2.86 23.16 11.78
CA GLU D 152 2.53 21.79 11.44
C GLU D 152 1.97 21.75 10.02
N PRO D 153 1.91 20.57 9.40
CA PRO D 153 2.54 19.32 9.82
C PRO D 153 3.79 18.93 9.03
N VAL D 154 4.49 17.92 9.54
CA VAL D 154 5.53 17.24 8.79
C VAL D 154 5.11 15.79 8.61
N THR D 155 5.66 15.15 7.59
CA THR D 155 5.36 13.77 7.28
C THR D 155 6.66 13.00 7.09
N VAL D 156 6.77 11.84 7.71
CA VAL D 156 7.96 11.01 7.62
C VAL D 156 7.60 9.71 6.94
N SER D 157 8.41 9.31 5.96
CA SER D 157 8.35 7.99 5.36
C SER D 157 9.73 7.36 5.49
N TRP D 158 9.84 6.07 5.19
CA TRP D 158 11.11 5.36 5.29
C TRP D 158 11.40 4.63 3.99
N ASN D 159 12.63 4.77 3.52
CA ASN D 159 13.07 4.22 2.23
C ASN D 159 12.05 4.48 1.13
N SER D 160 11.59 5.73 1.06
CA SER D 160 10.64 6.18 0.04
C SER D 160 9.40 5.28 0.00
N GLY D 161 8.81 5.08 1.17
CA GLY D 161 7.58 4.32 1.29
C GLY D 161 7.75 2.82 1.26
N ALA D 162 8.94 2.30 0.92
CA ALA D 162 9.13 0.86 0.83
C ALA D 162 9.10 0.21 2.20
N LEU D 163 9.74 0.84 3.19
CA LEU D 163 9.77 0.31 4.55
C LEU D 163 8.60 0.91 5.33
N THR D 164 7.65 0.07 5.74
CA THR D 164 6.50 0.50 6.51
C THR D 164 6.20 -0.34 7.74
N SER D 165 6.66 -1.59 7.79
CA SER D 165 6.34 -2.46 8.91
C SER D 165 7.10 -2.01 10.15
N GLY D 166 6.38 -1.83 11.25
CA GLY D 166 6.98 -1.39 12.50
C GLY D 166 7.52 0.02 12.48
N VAL D 167 6.95 0.90 11.66
CA VAL D 167 7.23 2.32 11.71
C VAL D 167 6.23 2.98 12.65
N HIS D 168 6.74 3.73 13.63
CA HIS D 168 5.94 4.61 14.47
C HIS D 168 6.40 6.04 14.25
N THR D 169 5.55 6.87 13.64
CA THR D 169 5.77 8.31 13.59
C THR D 169 4.91 8.95 14.68
N PHE D 170 5.56 9.54 15.67
CA PHE D 170 4.87 10.05 16.84
C PHE D 170 4.16 11.37 16.54
N PRO D 171 3.17 11.74 17.36
CA PRO D 171 2.64 13.10 17.31
C PRO D 171 3.71 14.12 17.69
N ALA D 172 3.65 15.27 17.04
CA ALA D 172 4.56 16.36 17.36
C ALA D 172 4.25 16.95 18.73
N VAL D 173 5.31 17.37 19.43
CA VAL D 173 5.19 18.12 20.67
C VAL D 173 5.68 19.54 20.43
N LEU D 174 4.99 20.51 21.02
CA LEU D 174 5.37 21.92 20.93
C LEU D 174 6.31 22.28 22.06
N GLN D 175 7.55 22.64 21.72
CA GLN D 175 8.54 22.99 22.71
C GLN D 175 8.28 24.39 23.29
N SER D 176 8.89 24.66 24.45
CA SER D 176 8.80 25.98 25.05
C SER D 176 9.28 27.07 24.09
N SER D 177 10.17 26.74 23.17
CA SER D 177 10.62 27.68 22.16
C SER D 177 9.53 28.07 21.17
N GLY D 178 8.36 27.43 21.23
CA GLY D 178 7.30 27.68 20.29
C GLY D 178 7.42 26.95 18.97
N LEU D 179 8.41 26.08 18.83
CA LEU D 179 8.63 25.29 17.64
C LEU D 179 8.23 23.83 17.89
N TYR D 180 7.86 23.14 16.83
CA TYR D 180 7.44 21.75 16.93
C TYR D 180 8.60 20.78 16.73
N SER D 181 8.42 19.55 17.20
CA SER D 181 9.44 18.52 17.06
C SER D 181 8.80 17.16 17.24
N LEU D 182 9.03 16.25 16.30
CA LEU D 182 8.55 14.88 16.42
C LEU D 182 9.67 13.89 16.12
N SER D 183 9.51 12.68 16.64
CA SER D 183 10.39 11.57 16.34
C SER D 183 9.64 10.53 15.51
N SER D 184 10.33 9.95 14.52
CA SER D 184 9.83 8.79 13.79
C SER D 184 10.83 7.65 13.96
N VAL D 185 10.40 6.60 14.65
CA VAL D 185 11.23 5.44 14.88
C VAL D 185 10.73 4.27 14.03
N VAL D 186 11.61 3.31 13.81
CA VAL D 186 11.24 2.03 13.23
C VAL D 186 12.08 0.94 13.89
N THR D 187 11.42 -0.14 14.29
CA THR D 187 12.06 -1.37 14.71
C THR D 187 12.29 -2.31 13.55
N VAL D 188 13.29 -3.16 13.71
CA VAL D 188 13.85 -3.94 12.60
C VAL D 188 14.61 -5.10 13.20
N PRO D 189 14.48 -6.32 12.67
CA PRO D 189 15.30 -7.42 13.17
C PRO D 189 16.78 -7.07 13.09
N SER D 190 17.50 -7.35 14.18
CA SER D 190 18.89 -6.91 14.27
C SER D 190 19.74 -7.53 13.18
N SER D 191 19.40 -8.76 12.77
CA SER D 191 20.06 -9.40 11.64
C SER D 191 20.09 -8.46 10.43
N SER D 192 18.98 -7.76 10.18
CA SER D 192 18.84 -6.91 9.01
C SER D 192 19.68 -5.63 9.08
N LEU D 193 20.29 -5.31 10.24
CA LEU D 193 21.04 -4.07 10.33
C LEU D 193 22.21 -4.03 9.36
N GLY D 194 22.95 -5.13 9.26
CA GLY D 194 24.08 -5.18 8.36
C GLY D 194 23.71 -5.07 6.89
N THR D 195 22.55 -5.59 6.50
CA THR D 195 22.21 -5.74 5.09
C THR D 195 21.87 -4.46 4.32
N GLN D 196 20.79 -3.79 4.70
CA GLN D 196 20.23 -2.68 3.94
C GLN D 196 20.53 -1.33 4.58
N THR D 197 20.25 -0.29 3.80
CA THR D 197 20.39 1.10 4.19
C THR D 197 19.03 1.63 4.64
N TYR D 198 19.02 2.45 5.69
CA TYR D 198 17.80 3.03 6.23
C TYR D 198 17.83 4.54 6.07
N ILE D 199 16.79 5.09 5.47
CA ILE D 199 16.70 6.52 5.16
C ILE D 199 15.30 7.01 5.47
N CYS D 200 15.20 8.08 6.27
CA CYS D 200 13.91 8.72 6.50
C CYS D 200 13.73 9.90 5.55
N ASN D 201 12.53 10.03 5.02
CA ASN D 201 12.13 11.08 4.09
C ASN D 201 11.16 11.99 4.84
N VAL D 202 11.66 13.14 5.27
CA VAL D 202 10.88 14.15 5.96
C VAL D 202 10.36 15.15 4.94
N ASN D 203 9.09 15.53 5.08
CA ASN D 203 8.46 16.50 4.19
C ASN D 203 7.70 17.51 5.02
N HIS D 204 8.10 18.77 4.92
CA HIS D 204 7.46 19.91 5.59
C HIS D 204 6.99 20.85 4.50
N LYS D 205 5.72 20.69 4.10
CA LYS D 205 5.17 21.51 3.02
C LYS D 205 5.13 23.00 3.33
N PRO D 206 4.73 23.46 4.53
CA PRO D 206 4.65 24.91 4.76
C PRO D 206 5.94 25.66 4.48
N SER D 207 7.10 25.00 4.57
CA SER D 207 8.37 25.65 4.27
C SER D 207 9.01 25.08 3.01
N ASN D 208 8.28 24.29 2.23
CA ASN D 208 8.79 23.70 0.99
C ASN D 208 10.07 22.91 1.23
N THR D 209 10.10 22.15 2.32
CA THR D 209 11.30 21.42 2.74
C THR D 209 11.11 19.93 2.52
N LYS D 210 11.99 19.33 1.72
CA LYS D 210 12.10 17.89 1.61
C LYS D 210 13.51 17.48 2.00
N VAL D 211 13.63 16.55 2.96
CA VAL D 211 14.94 16.11 3.46
C VAL D 211 14.98 14.59 3.47
N ASP D 212 16.05 14.01 2.94
CA ASP D 212 16.34 12.59 3.11
C ASP D 212 17.56 12.42 4.01
N LYS D 213 17.37 11.80 5.16
CA LYS D 213 18.44 11.57 6.12
C LYS D 213 18.70 10.07 6.25
N ARG D 214 19.93 9.66 5.90
CA ARG D 214 20.37 8.28 6.04
C ARG D 214 20.79 8.00 7.47
N VAL D 215 20.05 7.12 8.15
CA VAL D 215 20.36 6.72 9.51
C VAL D 215 21.24 5.47 9.46
N GLU D 216 22.41 5.53 10.08
CA GLU D 216 23.36 4.44 10.09
C GLU D 216 23.90 4.26 11.50
N PRO D 217 24.29 3.04 11.88
CA PRO D 217 24.96 2.85 13.18
C PRO D 217 26.20 3.72 13.29
N LYS D 218 26.47 4.17 14.51
CA LYS D 218 27.48 5.19 14.74
C LYS D 218 28.89 4.65 14.53
#